data_3V4D
#
_entry.id   3V4D
#
_cell.length_a   92.255
_cell.length_b   179.181
_cell.length_c   45.217
_cell.angle_alpha   90.00
_cell.angle_beta   90.00
_cell.angle_gamma   90.00
#
_symmetry.space_group_name_H-M   'P 21 21 2'
#
loop_
_entity.id
_entity.type
_entity.pdbx_description
1 polymer 'Aminoacrylate peracid reductase RutC'
2 water water
#
_entity_poly.entity_id   1
_entity_poly.type   'polypeptide(L)'
_entity_poly.pdbx_seq_one_letter_code
;LYFQGH(MSE)PKSVIIPAGSSAPLAPFVPGTLADGVVYVSGTLAFDQHNNVLFADDPKAQTRHVLETIRKVIETAGGT
(MSE)ADVTFNSIFITDWKNYAAINEIYAEFFPGDKPARFCIQCGLVKPDALVEIATIAHIAK
;
_entity_poly.pdbx_strand_id   A,C,F,B,D,E
#
# COMPACT_ATOMS: atom_id res chain seq x y z
N PRO A 8 19.61 7.05 -9.40
CA PRO A 8 18.95 6.75 -10.68
C PRO A 8 17.56 6.08 -10.57
N LYS A 9 16.66 6.30 -11.56
CA LYS A 9 15.29 5.83 -11.40
C LYS A 9 15.21 4.30 -11.21
N SER A 10 14.24 3.85 -10.47
CA SER A 10 13.89 2.45 -10.44
C SER A 10 12.70 2.29 -11.34
N VAL A 11 12.64 1.19 -12.02
CA VAL A 11 11.44 0.81 -12.70
C VAL A 11 10.59 -0.03 -11.70
N ILE A 12 9.28 0.02 -11.85
CA ILE A 12 8.35 -0.72 -11.00
C ILE A 12 7.58 -1.65 -11.92
N ILE A 13 7.77 -2.96 -11.72
CA ILE A 13 7.11 -3.99 -12.54
C ILE A 13 6.48 -5.04 -11.59
N PRO A 14 5.17 -4.91 -11.28
CA PRO A 14 4.56 -5.82 -10.31
C PRO A 14 4.59 -7.27 -10.77
N ALA A 15 4.79 -8.20 -9.84
CA ALA A 15 4.75 -9.66 -10.13
C ALA A 15 3.59 -9.90 -11.06
N GLY A 16 3.89 -10.43 -12.25
CA GLY A 16 3.03 -10.33 -13.43
C GLY A 16 3.52 -9.30 -14.44
N PRO A 23 7.57 -0.77 -24.92
CA PRO A 23 8.51 0.34 -24.78
C PRO A 23 8.12 1.33 -23.62
N PHE A 24 7.40 0.85 -22.62
CA PHE A 24 7.27 1.57 -21.33
C PHE A 24 7.15 0.55 -20.23
N VAL A 25 7.38 0.97 -19.00
CA VAL A 25 7.18 0.17 -17.82
C VAL A 25 5.91 0.64 -17.08
N PRO A 26 5.37 -0.21 -16.21
CA PRO A 26 4.16 0.20 -15.51
C PRO A 26 4.31 1.50 -14.68
N GLY A 27 5.48 1.67 -14.08
CA GLY A 27 5.81 2.86 -13.38
C GLY A 27 7.29 3.04 -13.12
N THR A 28 7.66 4.27 -12.76
CA THR A 28 9.02 4.60 -12.33
C THR A 28 9.01 5.30 -10.99
N LEU A 29 10.14 5.25 -10.32
CA LEU A 29 10.29 5.83 -8.98
C LEU A 29 11.61 6.56 -8.96
N ALA A 30 11.57 7.82 -8.57
CA ALA A 30 12.77 8.63 -8.41
C ALA A 30 12.57 9.63 -7.27
N ASP A 31 13.46 9.67 -6.30
CA ASP A 31 13.43 10.69 -5.25
C ASP A 31 12.07 10.72 -4.58
N GLY A 32 11.53 9.55 -4.29
CA GLY A 32 10.27 9.48 -3.57
C GLY A 32 9.02 9.76 -4.42
N VAL A 33 9.18 10.02 -5.72
CA VAL A 33 8.06 10.23 -6.58
C VAL A 33 7.85 9.05 -7.51
N VAL A 34 6.63 8.52 -7.50
CA VAL A 34 6.21 7.45 -8.42
C VAL A 34 5.41 8.04 -9.57
N TYR A 35 5.82 7.72 -10.79
CA TYR A 35 5.09 8.04 -12.02
C TYR A 35 4.52 6.74 -12.57
N VAL A 36 3.20 6.59 -12.53
CA VAL A 36 2.53 5.39 -13.12
C VAL A 36 2.11 5.75 -14.55
N SER A 37 2.48 4.90 -15.48
CA SER A 37 2.08 5.03 -16.90
C SER A 37 0.56 5.10 -17.08
N GLY A 38 0.15 5.69 -18.17
CA GLY A 38 -1.27 5.66 -18.53
C GLY A 38 -1.70 4.21 -18.60
N THR A 39 -2.76 3.89 -17.88
CA THR A 39 -3.15 2.49 -17.64
C THR A 39 -4.56 2.36 -18.18
N LEU A 40 -4.77 1.32 -18.96
CA LEU A 40 -6.09 0.98 -19.50
C LEU A 40 -6.52 -0.40 -18.98
N ALA A 41 -7.77 -0.77 -19.20
CA ALA A 41 -8.27 -2.05 -18.73
C ALA A 41 -7.85 -3.20 -19.70
N PHE A 42 -6.58 -3.61 -19.65
CA PHE A 42 -6.04 -4.59 -20.58
C PHE A 42 -5.90 -5.95 -19.93
N ASP A 43 -6.17 -7.00 -20.70
CA ASP A 43 -5.86 -8.42 -20.38
C ASP A 43 -4.39 -8.60 -20.60
N GLN A 44 -3.91 -9.81 -20.35
CA GLN A 44 -2.48 -10.11 -20.51
C GLN A 44 -2.03 -10.00 -21.98
N HIS A 45 -2.96 -10.08 -22.93
CA HIS A 45 -2.63 -9.89 -24.37
C HIS A 45 -2.95 -8.48 -24.88
N ASN A 46 -3.10 -7.51 -23.98
CA ASN A 46 -3.42 -6.12 -24.37
C ASN A 46 -4.71 -5.96 -25.18
N ASN A 47 -5.68 -6.82 -24.88
CA ASN A 47 -7.04 -6.60 -25.33
C ASN A 47 -7.81 -5.94 -24.23
N VAL A 48 -8.76 -5.09 -24.60
CA VAL A 48 -9.55 -4.30 -23.65
C VAL A 48 -10.59 -5.19 -22.98
N LEU A 49 -10.66 -5.18 -21.67
CA LEU A 49 -11.65 -5.92 -20.94
C LEU A 49 -12.88 -5.03 -20.75
N PHE A 50 -14.05 -5.67 -20.66
CA PHE A 50 -15.31 -5.00 -20.30
C PHE A 50 -15.71 -3.91 -21.28
N ALA A 51 -15.75 -4.28 -22.56
CA ALA A 51 -15.86 -3.33 -23.71
C ALA A 51 -16.83 -2.12 -23.58
N ASP A 52 -18.06 -2.38 -23.15
CA ASP A 52 -19.07 -1.36 -23.14
C ASP A 52 -19.36 -0.88 -21.71
N ASP A 53 -18.48 -1.16 -20.76
CA ASP A 53 -18.81 -0.96 -19.34
C ASP A 53 -17.71 -0.10 -18.59
N PRO A 54 -17.95 1.21 -18.56
CA PRO A 54 -16.97 2.11 -18.03
C PRO A 54 -16.67 1.86 -16.56
N LYS A 55 -17.66 1.40 -15.79
CA LYS A 55 -17.40 1.16 -14.36
C LYS A 55 -16.37 0.05 -14.16
N ALA A 56 -16.55 -1.08 -14.85
CA ALA A 56 -15.61 -2.18 -14.66
C ALA A 56 -14.23 -1.83 -15.23
N GLN A 57 -14.18 -1.09 -16.33
CA GLN A 57 -12.88 -0.61 -16.84
C GLN A 57 -12.16 0.24 -15.83
N THR A 58 -12.88 1.16 -15.21
CA THR A 58 -12.27 2.10 -14.26
C THR A 58 -11.74 1.34 -13.07
N ARG A 59 -12.53 0.39 -12.59
CA ARG A 59 -12.07 -0.42 -11.49
C ARG A 59 -10.77 -1.19 -11.82
N HIS A 60 -10.72 -1.82 -12.99
CA HIS A 60 -9.53 -2.59 -13.37
C HIS A 60 -8.29 -1.70 -13.45
N VAL A 61 -8.47 -0.54 -14.07
CA VAL A 61 -7.38 0.48 -14.16
C VAL A 61 -6.85 0.87 -12.77
N LEU A 62 -7.73 1.19 -11.84
CA LEU A 62 -7.27 1.66 -10.55
C LEU A 62 -6.68 0.58 -9.70
N GLU A 63 -7.16 -0.66 -9.86
CA GLU A 63 -6.52 -1.80 -9.23
C GLU A 63 -5.07 -1.97 -9.74
N THR A 64 -4.85 -1.85 -11.04
CA THR A 64 -3.49 -1.92 -11.58
C THR A 64 -2.60 -0.81 -11.00
N ILE A 65 -3.13 0.41 -11.01
CA ILE A 65 -2.36 1.54 -10.52
C ILE A 65 -1.98 1.29 -9.05
N ARG A 66 -2.95 0.90 -8.27
CA ARG A 66 -2.69 0.60 -6.86
C ARG A 66 -1.57 -0.44 -6.67
N LYS A 67 -1.57 -1.51 -7.47
CA LYS A 67 -0.53 -2.53 -7.36
C LYS A 67 0.85 -1.91 -7.71
N VAL A 68 0.90 -1.02 -8.71
CA VAL A 68 2.17 -0.35 -9.03
C VAL A 68 2.66 0.44 -7.83
N ILE A 69 1.78 1.23 -7.25
CA ILE A 69 2.17 2.05 -6.11
C ILE A 69 2.56 1.19 -4.90
N GLU A 70 1.82 0.11 -4.70
CA GLU A 70 2.13 -0.80 -3.61
C GLU A 70 3.47 -1.50 -3.78
N THR A 71 3.75 -1.96 -4.98
CA THR A 71 5.03 -2.58 -5.28
C THR A 71 6.15 -1.62 -4.92
N ALA A 72 5.92 -0.32 -5.11
CA ALA A 72 6.93 0.70 -4.77
C ALA A 72 6.98 1.01 -3.28
N GLY A 73 6.02 0.52 -2.51
CA GLY A 73 6.03 0.71 -1.08
C GLY A 73 5.03 1.75 -0.60
N GLY A 74 4.14 2.22 -1.49
CA GLY A 74 3.22 3.28 -1.12
C GLY A 74 1.79 2.80 -1.11
N THR A 75 0.89 3.74 -0.89
CA THR A 75 -0.52 3.47 -0.85
C THR A 75 -1.27 4.50 -1.71
N MSE A 76 -2.56 4.29 -1.93
CA MSE A 76 -3.34 5.24 -2.75
C MSE A 76 -3.44 6.59 -2.12
O MSE A 76 -3.58 7.61 -2.82
CB MSE A 76 -4.76 4.71 -3.03
CG MSE A 76 -4.77 3.52 -4.00
SE MSE A 76 -4.10 4.01 -5.82
CE MSE A 76 -5.84 4.23 -6.71
N ALA A 77 -3.34 6.68 -0.79
CA ALA A 77 -3.35 8.01 -0.11
C ALA A 77 -2.13 8.84 -0.50
N ASP A 78 -1.06 8.20 -1.01
CA ASP A 78 0.13 8.90 -1.47
C ASP A 78 -0.04 9.57 -2.86
N VAL A 79 -1.11 9.26 -3.58
CA VAL A 79 -1.35 9.84 -4.92
C VAL A 79 -1.61 11.33 -4.77
N THR A 80 -0.85 12.15 -5.50
CA THR A 80 -1.04 13.59 -5.48
C THR A 80 -1.82 14.05 -6.68
N PHE A 81 -1.72 13.33 -7.81
CA PHE A 81 -2.34 13.80 -9.01
C PHE A 81 -2.72 12.65 -9.96
N ASN A 82 -3.92 12.69 -10.55
CA ASN A 82 -4.32 11.76 -11.57
C ASN A 82 -4.65 12.46 -12.85
N SER A 83 -4.20 11.92 -13.98
CA SER A 83 -4.52 12.42 -15.29
C SER A 83 -5.51 11.41 -15.83
N ILE A 84 -6.74 11.85 -16.07
CA ILE A 84 -7.80 10.91 -16.55
C ILE A 84 -8.21 11.34 -17.97
N PHE A 85 -8.34 10.34 -18.84
CA PHE A 85 -8.63 10.52 -20.25
C PHE A 85 -9.84 9.65 -20.58
N ILE A 86 -10.88 10.28 -21.11
CA ILE A 86 -12.09 9.53 -21.43
C ILE A 86 -12.49 9.79 -22.86
N THR A 87 -13.36 8.92 -23.42
CA THR A 87 -13.80 9.07 -24.76
C THR A 87 -15.24 9.67 -24.90
N ASP A 88 -16.05 9.64 -23.84
CA ASP A 88 -17.42 10.14 -23.89
C ASP A 88 -17.90 10.72 -22.53
N TRP A 89 -18.38 11.96 -22.51
CA TRP A 89 -18.84 12.57 -21.24
C TRP A 89 -20.03 11.87 -20.65
N LYS A 90 -20.76 11.10 -21.44
CA LYS A 90 -21.89 10.31 -20.92
C LYS A 90 -21.40 9.26 -19.92
N ASN A 91 -20.09 8.94 -19.91
CA ASN A 91 -19.52 7.96 -18.97
C ASN A 91 -18.90 8.58 -17.74
N TYR A 92 -18.87 9.91 -17.68
CA TYR A 92 -18.16 10.62 -16.60
C TYR A 92 -18.68 10.26 -15.22
N ALA A 93 -20.01 10.21 -15.05
CA ALA A 93 -20.61 9.93 -13.74
C ALA A 93 -20.20 8.52 -13.26
N ALA A 94 -20.28 7.54 -14.16
CA ALA A 94 -19.89 6.17 -13.82
C ALA A 94 -18.40 6.08 -13.42
N ILE A 95 -17.53 6.77 -14.17
CA ILE A 95 -16.10 6.70 -13.94
C ILE A 95 -15.84 7.36 -12.58
N ASN A 96 -16.47 8.50 -12.32
CA ASN A 96 -16.29 9.18 -11.06
C ASN A 96 -16.71 8.34 -9.88
N GLU A 97 -17.82 7.60 -10.03
CA GLU A 97 -18.33 6.79 -8.95
C GLU A 97 -17.29 5.78 -8.51
N ILE A 98 -16.69 5.08 -9.47
CA ILE A 98 -15.68 4.07 -9.10
C ILE A 98 -14.40 4.75 -8.56
N TYR A 99 -14.01 5.82 -9.24
CA TYR A 99 -12.81 6.55 -8.85
C TYR A 99 -12.86 6.93 -7.36
N ALA A 100 -13.99 7.45 -6.89
CA ALA A 100 -14.13 7.92 -5.52
C ALA A 100 -13.91 6.78 -4.51
N GLU A 101 -14.33 5.55 -4.86
CA GLU A 101 -14.13 4.41 -4.00
C GLU A 101 -12.68 4.15 -3.74
N PHE A 102 -11.79 4.48 -4.69
CA PHE A 102 -10.38 4.16 -4.51
C PHE A 102 -9.63 5.21 -3.75
N PHE A 103 -10.22 6.38 -3.55
CA PHE A 103 -9.58 7.49 -2.83
C PHE A 103 -10.52 7.98 -1.72
N PRO A 104 -10.73 7.18 -0.67
CA PRO A 104 -11.69 7.46 0.39
C PRO A 104 -11.37 8.67 1.24
N GLY A 105 -10.11 8.94 1.45
CA GLY A 105 -9.83 10.11 2.25
C GLY A 105 -9.76 11.41 1.46
N ASP A 106 -8.79 12.22 1.86
CA ASP A 106 -8.41 13.43 1.13
C ASP A 106 -8.13 13.01 -0.33
N LYS A 107 -8.80 13.66 -1.28
CA LYS A 107 -8.75 13.32 -2.69
C LYS A 107 -7.52 13.93 -3.35
N PRO A 108 -7.02 13.26 -4.40
CA PRO A 108 -5.93 13.83 -5.15
C PRO A 108 -6.42 15.03 -5.99
N ALA A 109 -5.50 15.76 -6.54
CA ALA A 109 -5.81 16.70 -7.58
C ALA A 109 -5.88 15.91 -8.86
N ARG A 110 -6.56 16.40 -9.88
CA ARG A 110 -6.66 15.71 -11.10
C ARG A 110 -7.08 16.60 -12.26
N PHE A 111 -6.95 16.05 -13.47
CA PHE A 111 -7.72 16.53 -14.63
C PHE A 111 -8.44 15.36 -15.29
N CYS A 112 -9.51 15.64 -16.06
CA CYS A 112 -10.23 14.71 -16.85
C CYS A 112 -10.57 15.37 -18.20
N ILE A 113 -9.98 14.86 -19.27
CA ILE A 113 -10.17 15.44 -20.55
C ILE A 113 -10.69 14.34 -21.50
N GLN A 114 -11.31 14.72 -22.61
CA GLN A 114 -11.80 13.79 -23.56
C GLN A 114 -10.83 13.78 -24.75
N CYS A 115 -10.44 12.62 -25.21
CA CYS A 115 -9.46 12.49 -26.30
C CYS A 115 -9.62 11.10 -26.96
N GLY A 116 -8.77 10.78 -27.93
CA GLY A 116 -8.64 9.44 -28.44
C GLY A 116 -7.68 8.56 -27.66
N LEU A 117 -8.03 7.30 -27.52
CA LEU A 117 -7.21 6.32 -26.78
C LEU A 117 -6.77 5.18 -27.69
N VAL A 118 -5.78 4.43 -27.24
CA VAL A 118 -5.04 3.53 -28.12
C VAL A 118 -5.90 2.42 -28.76
N LYS A 119 -6.92 1.94 -28.08
CA LYS A 119 -7.80 0.91 -28.67
C LYS A 119 -9.26 1.36 -28.67
N PRO A 120 -10.06 0.92 -29.69
CA PRO A 120 -11.43 1.44 -29.87
C PRO A 120 -12.40 1.11 -28.75
N ASP A 121 -12.23 -0.04 -28.10
CA ASP A 121 -13.09 -0.37 -26.96
C ASP A 121 -12.74 0.32 -25.63
N ALA A 122 -11.59 0.97 -25.55
CA ALA A 122 -11.17 1.60 -24.29
C ALA A 122 -12.07 2.81 -24.01
N LEU A 123 -12.55 2.91 -22.78
CA LEU A 123 -13.42 4.02 -22.38
C LEU A 123 -12.71 4.98 -21.41
N VAL A 124 -11.61 4.55 -20.83
CA VAL A 124 -10.93 5.38 -19.80
C VAL A 124 -9.48 4.97 -19.76
N GLU A 125 -8.61 5.93 -19.47
CA GLU A 125 -7.22 5.69 -19.18
C GLU A 125 -6.82 6.64 -18.07
N ILE A 126 -5.97 6.18 -17.13
CA ILE A 126 -5.51 7.00 -16.04
C ILE A 126 -4.01 6.86 -15.87
N ALA A 127 -3.33 7.99 -15.75
CA ALA A 127 -1.89 8.04 -15.34
C ALA A 127 -1.83 8.76 -13.98
N THR A 128 -0.83 8.47 -13.18
CA THR A 128 -0.85 8.83 -11.73
C THR A 128 0.52 9.22 -11.22
N ILE A 129 0.57 10.24 -10.37
CA ILE A 129 1.77 10.65 -9.67
C ILE A 129 1.50 10.44 -8.21
N ALA A 130 2.45 9.85 -7.51
CA ALA A 130 2.33 9.66 -6.09
C ALA A 130 3.65 10.08 -5.42
N HIS A 131 3.57 10.59 -4.17
CA HIS A 131 4.74 10.85 -3.35
C HIS A 131 4.77 9.91 -2.20
N ILE A 132 5.79 9.07 -2.12
CA ILE A 132 5.86 8.04 -1.11
C ILE A 132 7.03 8.37 -0.14
N ALA A 133 7.24 7.66 0.96
CA ALA A 133 8.38 7.92 1.94
C ALA A 133 9.80 7.67 1.40
N GLY B 5 6.90 12.82 2.32
CA GLY B 5 6.45 11.46 1.81
C GLY B 5 5.88 10.57 2.92
N HIS B 6 6.56 10.63 4.07
CA HIS B 6 6.09 10.15 5.39
C HIS B 6 4.95 10.99 5.92
N MSE B 7 5.08 12.32 5.83
CA MSE B 7 3.94 13.19 6.10
CA MSE B 7 3.94 13.22 6.09
C MSE B 7 2.99 13.04 4.91
O MSE B 7 3.44 13.03 3.76
CB MSE B 7 4.45 14.62 6.33
CB MSE B 7 4.39 14.70 6.19
CG MSE B 7 3.44 15.42 7.15
CG MSE B 7 3.31 15.70 6.64
SE MSE B 7 3.43 14.92 9.11
SE MSE B 7 3.98 17.30 7.61
CE MSE B 7 3.10 12.97 9.18
CE MSE B 7 4.97 16.54 9.14
N PRO B 8 1.68 12.85 5.17
CA PRO B 8 0.77 12.70 4.00
C PRO B 8 0.63 14.00 3.16
N LYS B 9 0.19 13.91 1.91
CA LYS B 9 -0.10 15.12 1.12
C LYS B 9 -1.08 16.03 1.87
N SER B 10 -1.02 17.32 1.60
CA SER B 10 -2.00 18.26 2.12
C SER B 10 -2.92 18.56 0.97
N VAL B 11 -4.20 18.68 1.24
CA VAL B 11 -5.15 19.14 0.20
C VAL B 11 -5.11 20.66 0.31
N ILE B 12 -5.35 21.36 -0.79
CA ILE B 12 -5.38 22.78 -0.82
C ILE B 12 -6.74 23.19 -1.26
N ILE B 13 -7.52 23.75 -0.36
CA ILE B 13 -8.93 24.14 -0.67
C ILE B 13 -9.15 25.54 -0.21
N PRO B 14 -8.99 26.51 -1.10
CA PRO B 14 -9.03 27.90 -0.61
C PRO B 14 -10.39 28.24 0.01
N ALA B 15 -10.39 29.00 1.10
CA ALA B 15 -11.62 29.46 1.78
C ALA B 15 -12.58 29.92 0.70
N GLY B 16 -13.80 29.35 0.72
CA GLY B 16 -14.84 29.78 -0.18
C GLY B 16 -15.04 28.86 -1.38
N SER B 17 -14.20 27.86 -1.54
CA SER B 17 -14.32 26.93 -2.64
C SER B 17 -14.25 25.44 -2.16
N ALA B 22 -17.85 16.45 -7.43
CA ALA B 22 -16.79 15.58 -8.02
C ALA B 22 -15.61 15.29 -7.08
N PRO B 23 -14.98 14.14 -7.26
CA PRO B 23 -14.04 13.68 -6.28
C PRO B 23 -12.61 14.13 -6.58
N PHE B 24 -12.40 15.42 -6.48
CA PHE B 24 -11.08 15.97 -6.47
C PHE B 24 -11.06 17.22 -5.63
N VAL B 25 -9.87 17.69 -5.31
CA VAL B 25 -9.67 18.95 -4.70
C VAL B 25 -9.00 19.93 -5.63
N PRO B 26 -9.01 21.25 -5.28
CA PRO B 26 -8.43 22.22 -6.21
C PRO B 26 -6.93 21.98 -6.42
N GLY B 27 -6.23 21.53 -5.38
CA GLY B 27 -4.83 21.20 -5.46
C GLY B 27 -4.36 20.31 -4.32
N THR B 28 -3.20 19.72 -4.52
CA THR B 28 -2.42 19.04 -3.43
C THR B 28 -1.02 19.56 -3.31
N LEU B 29 -0.41 19.34 -2.12
CA LEU B 29 0.94 19.75 -1.85
C LEU B 29 1.63 18.57 -1.18
N ALA B 30 2.79 18.18 -1.71
CA ALA B 30 3.61 17.12 -1.11
C ALA B 30 5.09 17.41 -1.38
N ASP B 31 5.90 17.48 -0.33
CA ASP B 31 7.35 17.66 -0.46
C ASP B 31 7.68 18.89 -1.29
N GLY B 32 6.96 19.97 -1.06
CA GLY B 32 7.27 21.23 -1.70
C GLY B 32 6.71 21.33 -3.12
N VAL B 33 6.03 20.31 -3.57
CA VAL B 33 5.44 20.34 -4.93
C VAL B 33 3.93 20.50 -4.83
N VAL B 34 3.40 21.49 -5.58
CA VAL B 34 1.95 21.72 -5.69
C VAL B 34 1.45 21.23 -7.02
N TYR B 35 0.42 20.42 -6.99
CA TYR B 35 -0.27 19.93 -8.18
C TYR B 35 -1.62 20.62 -8.13
N VAL B 36 -1.92 21.47 -9.10
CA VAL B 36 -3.19 22.12 -9.16
C VAL B 36 -4.01 21.28 -10.19
N SER B 37 -5.24 20.99 -9.81
CA SER B 37 -6.22 20.31 -10.72
C SER B 37 -6.41 21.09 -11.99
N GLY B 38 -6.82 20.37 -13.03
CA GLY B 38 -7.32 21.07 -14.22
C GLY B 38 -8.41 22.03 -13.79
N THR B 39 -8.27 23.29 -14.16
CA THR B 39 -9.12 24.35 -13.70
C THR B 39 -9.80 24.94 -14.93
N LEU B 40 -11.10 25.14 -14.79
CA LEU B 40 -11.92 25.78 -15.87
C LEU B 40 -12.53 27.05 -15.25
N ALA B 41 -13.14 27.89 -16.08
CA ALA B 41 -13.69 29.14 -15.66
C ALA B 41 -15.14 28.95 -15.13
N PHE B 42 -15.26 28.35 -13.95
CA PHE B 42 -16.56 27.99 -13.37
C PHE B 42 -16.97 29.04 -12.39
N ASP B 43 -18.26 29.32 -12.34
CA ASP B 43 -18.87 30.06 -11.25
C ASP B 43 -19.20 29.10 -10.16
N GLN B 44 -19.89 29.61 -9.14
CA GLN B 44 -20.19 28.86 -7.91
C GLN B 44 -21.08 27.64 -8.17
N HIS B 45 -21.84 27.66 -9.27
CA HIS B 45 -22.67 26.50 -9.66
C HIS B 45 -22.07 25.62 -10.70
N ASN B 46 -20.77 25.73 -10.91
CA ASN B 46 -20.11 24.95 -11.99
C ASN B 46 -20.66 25.17 -13.39
N ASN B 47 -21.10 26.42 -13.66
CA ASN B 47 -21.41 26.83 -15.00
C ASN B 47 -20.20 27.61 -15.47
N VAL B 48 -19.94 27.50 -16.76
CA VAL B 48 -18.82 28.16 -17.38
C VAL B 48 -19.15 29.63 -17.49
N LEU B 49 -18.28 30.47 -16.97
CA LEU B 49 -18.44 31.90 -17.17
C LEU B 49 -17.89 32.32 -18.55
N PHE B 50 -18.40 33.41 -19.10
CA PHE B 50 -17.80 34.07 -20.27
C PHE B 50 -17.77 33.16 -21.51
N ALA B 51 -18.94 32.62 -21.84
CA ALA B 51 -19.14 31.59 -22.89
C ALA B 51 -18.33 31.66 -24.22
N ASP B 52 -18.31 32.82 -24.85
CA ASP B 52 -17.59 32.98 -26.11
C ASP B 52 -16.39 33.91 -25.98
N ASP B 53 -15.82 33.98 -24.79
CA ASP B 53 -14.72 34.91 -24.50
C ASP B 53 -13.48 34.17 -23.94
N PRO B 54 -12.59 33.69 -24.83
CA PRO B 54 -11.47 32.88 -24.32
C PRO B 54 -10.52 33.66 -23.43
N LYS B 55 -10.42 34.96 -23.67
CA LYS B 55 -9.57 35.76 -22.82
C LYS B 55 -10.09 35.79 -21.37
N ALA B 56 -11.38 36.06 -21.18
CA ALA B 56 -11.92 36.20 -19.82
C ALA B 56 -11.94 34.83 -19.14
N GLN B 57 -12.17 33.76 -19.91
CA GLN B 57 -12.05 32.43 -19.32
C GLN B 57 -10.61 32.18 -18.82
N THR B 58 -9.62 32.51 -19.62
CA THR B 58 -8.23 32.24 -19.28
C THR B 58 -7.83 33.02 -18.05
N ARG B 59 -8.27 34.26 -17.97
CA ARG B 59 -7.98 35.09 -16.81
CA ARG B 59 -7.98 35.09 -16.81
C ARG B 59 -8.62 34.48 -15.57
N HIS B 60 -9.84 33.97 -15.66
CA HIS B 60 -10.47 33.44 -14.48
C HIS B 60 -9.74 32.19 -13.97
N VAL B 61 -9.37 31.36 -14.91
CA VAL B 61 -8.67 30.15 -14.64
C VAL B 61 -7.35 30.43 -13.97
N LEU B 62 -6.59 31.37 -14.46
CA LEU B 62 -5.26 31.63 -13.92
C LEU B 62 -5.33 32.34 -12.58
N GLU B 63 -6.38 33.14 -12.36
CA GLU B 63 -6.62 33.68 -11.03
C GLU B 63 -6.93 32.57 -10.02
N THR B 64 -7.73 31.58 -10.40
CA THR B 64 -8.03 30.39 -9.52
C THR B 64 -6.79 29.63 -9.21
N ILE B 65 -6.02 29.33 -10.25
CA ILE B 65 -4.75 28.63 -10.04
C ILE B 65 -3.79 29.41 -9.09
N ARG B 66 -3.62 30.71 -9.36
CA ARG B 66 -2.88 31.55 -8.45
C ARG B 66 -3.33 31.47 -6.98
N LYS B 67 -4.63 31.54 -6.73
CA LYS B 67 -5.12 31.42 -5.37
C LYS B 67 -4.83 30.05 -4.74
N VAL B 68 -4.90 28.99 -5.52
CA VAL B 68 -4.51 27.67 -4.99
C VAL B 68 -3.02 27.71 -4.56
N ILE B 69 -2.16 28.21 -5.44
CA ILE B 69 -0.74 28.16 -5.20
C ILE B 69 -0.44 29.07 -3.99
N GLU B 70 -1.10 30.22 -3.93
CA GLU B 70 -0.90 31.13 -2.80
C GLU B 70 -1.38 30.54 -1.48
N THR B 71 -2.52 29.88 -1.51
CA THR B 71 -3.02 29.16 -0.31
C THR B 71 -2.02 28.13 0.18
N ALA B 72 -1.32 27.47 -0.78
CA ALA B 72 -0.30 26.46 -0.43
C ALA B 72 1.00 27.09 0.09
N GLY B 73 1.19 28.37 -0.13
CA GLY B 73 2.38 29.08 0.31
C GLY B 73 3.32 29.53 -0.79
N GLY B 74 2.89 29.52 -2.06
CA GLY B 74 3.79 29.91 -3.15
C GLY B 74 3.32 31.11 -3.96
N THR B 75 3.96 31.34 -5.11
CA THR B 75 3.58 32.39 -6.04
C THR B 75 3.61 31.80 -7.46
N MSE B 76 3.16 32.56 -8.42
CA MSE B 76 3.16 32.10 -9.80
C MSE B 76 4.57 31.91 -10.33
O MSE B 76 4.79 31.09 -11.22
CB MSE B 76 2.40 33.06 -10.75
CG MSE B 76 0.90 33.03 -10.50
SE MSE B 76 0.07 31.25 -10.87
CE MSE B 76 -1.12 31.56 -12.46
N ALA B 77 5.53 32.65 -9.81
CA ALA B 77 6.91 32.47 -10.24
C ALA B 77 7.41 31.03 -9.92
N ASP B 78 6.80 30.35 -8.96
CA ASP B 78 7.17 28.97 -8.57
C ASP B 78 6.65 27.92 -9.51
N VAL B 79 5.81 28.33 -10.46
CA VAL B 79 5.25 27.38 -11.44
C VAL B 79 6.36 26.86 -12.36
N THR B 80 6.50 25.56 -12.41
CA THR B 80 7.46 24.96 -13.32
C THR B 80 6.85 24.41 -14.60
N PHE B 81 5.57 24.07 -14.58
CA PHE B 81 4.96 23.48 -15.73
C PHE B 81 3.40 23.72 -15.77
N ASN B 82 2.87 24.06 -16.94
CA ASN B 82 1.45 24.19 -17.13
C ASN B 82 1.03 23.24 -18.24
N SER B 83 -0.05 22.49 -18.02
CA SER B 83 -0.70 21.68 -19.02
C SER B 83 -1.92 22.48 -19.49
N ILE B 84 -1.96 22.90 -20.75
CA ILE B 84 -3.06 23.64 -21.26
C ILE B 84 -3.88 22.81 -22.29
N PHE B 85 -5.18 22.81 -22.11
CA PHE B 85 -6.14 22.10 -22.97
C PHE B 85 -7.06 23.14 -23.58
N ILE B 86 -7.20 23.15 -24.91
CA ILE B 86 -8.09 24.11 -25.57
C ILE B 86 -9.03 23.38 -26.54
N THR B 87 -10.10 24.04 -26.97
CA THR B 87 -11.07 23.42 -27.92
C THR B 87 -10.90 23.90 -29.35
N ASP B 88 -10.27 25.05 -29.55
CA ASP B 88 -10.20 25.67 -30.89
C ASP B 88 -8.95 26.49 -31.07
N TRP B 89 -8.10 26.12 -32.02
CA TRP B 89 -6.90 26.90 -32.29
C TRP B 89 -7.10 28.34 -32.63
N LYS B 90 -8.30 28.73 -33.10
CA LYS B 90 -8.59 30.15 -33.36
C LYS B 90 -8.45 30.98 -32.07
N ASN B 91 -8.51 30.32 -30.92
CA ASN B 91 -8.45 30.97 -29.62
C ASN B 91 -7.02 31.01 -29.00
N TYR B 92 -6.06 30.36 -29.66
CA TYR B 92 -4.73 30.16 -29.12
C TYR B 92 -4.02 31.44 -28.84
N ALA B 93 -4.07 32.39 -29.76
CA ALA B 93 -3.41 33.67 -29.59
C ALA B 93 -4.00 34.38 -28.38
N ALA B 94 -5.32 34.39 -28.25
CA ALA B 94 -5.99 35.09 -27.16
C ALA B 94 -5.58 34.49 -25.81
N ILE B 95 -5.57 33.14 -25.74
CA ILE B 95 -5.26 32.46 -24.51
C ILE B 95 -3.83 32.80 -24.15
N ASN B 96 -2.95 32.75 -25.15
CA ASN B 96 -1.56 33.05 -24.90
C ASN B 96 -1.32 34.43 -24.40
N GLU B 97 -2.07 35.40 -24.95
CA GLU B 97 -1.94 36.79 -24.51
C GLU B 97 -2.24 36.94 -23.02
N ILE B 98 -3.34 36.35 -22.56
CA ILE B 98 -3.63 36.44 -21.14
C ILE B 98 -2.65 35.62 -20.27
N TYR B 99 -2.31 34.44 -20.76
CA TYR B 99 -1.33 33.58 -20.06
C TYR B 99 -0.07 34.35 -19.76
N ALA B 100 0.47 35.06 -20.76
CA ALA B 100 1.72 35.76 -20.58
C ALA B 100 1.66 36.79 -19.46
N GLU B 101 0.49 37.47 -19.32
CA GLU B 101 0.31 38.46 -18.24
C GLU B 101 0.51 37.87 -16.86
N PHE B 102 0.18 36.58 -16.67
CA PHE B 102 0.30 35.97 -15.35
C PHE B 102 1.72 35.45 -15.01
N PHE B 103 2.60 35.34 -16.00
CA PHE B 103 3.96 34.85 -15.80
C PHE B 103 4.95 35.87 -16.39
N PRO B 104 5.12 37.01 -15.73
CA PRO B 104 6.07 38.04 -16.17
C PRO B 104 7.50 37.52 -15.82
N GLY B 105 8.54 37.80 -16.57
CA GLY B 105 9.86 37.18 -16.22
C GLY B 105 9.83 35.71 -16.69
N ASP B 106 10.66 34.86 -16.10
CA ASP B 106 10.98 33.53 -16.65
C ASP B 106 9.79 32.65 -16.74
N LYS B 107 9.47 32.20 -17.96
CA LYS B 107 8.22 31.51 -18.21
C LYS B 107 8.34 30.03 -17.81
N PRO B 108 7.22 29.43 -17.45
CA PRO B 108 7.26 28.02 -17.14
C PRO B 108 7.41 27.20 -18.43
N ALA B 109 7.64 25.93 -18.29
CA ALA B 109 7.53 25.02 -19.43
C ALA B 109 6.06 24.71 -19.53
N ARG B 110 5.63 24.21 -20.68
CA ARG B 110 4.23 23.95 -20.84
C ARG B 110 3.97 23.12 -22.07
N PHE B 111 2.76 22.58 -22.12
CA PHE B 111 2.20 22.09 -23.38
C PHE B 111 0.84 22.69 -23.58
N CYS B 112 0.36 22.69 -24.82
CA CYS B 112 -0.95 23.10 -25.15
C CYS B 112 -1.50 22.19 -26.22
N ILE B 113 -2.59 21.51 -25.92
CA ILE B 113 -3.19 20.56 -26.91
C ILE B 113 -4.66 20.84 -27.03
N GLN B 114 -5.26 20.31 -28.09
CA GLN B 114 -6.69 20.50 -28.35
C GLN B 114 -7.39 19.23 -28.04
N CYS B 115 -8.46 19.30 -27.25
CA CYS B 115 -9.20 18.10 -26.85
C CYS B 115 -10.64 18.47 -26.46
N GLY B 116 -11.40 17.53 -25.94
CA GLY B 116 -12.71 17.83 -25.37
C GLY B 116 -12.65 18.15 -23.88
N LEU B 117 -13.51 19.07 -23.46
CA LEU B 117 -13.58 19.51 -22.05
C LEU B 117 -14.95 19.21 -21.46
N VAL B 118 -15.01 19.19 -20.13
CA VAL B 118 -16.20 18.69 -19.39
C VAL B 118 -17.54 19.42 -19.74
N LYS B 119 -17.51 20.72 -20.08
CA LYS B 119 -18.69 21.45 -20.47
C LYS B 119 -18.50 22.17 -21.78
N PRO B 120 -19.54 22.20 -22.63
CA PRO B 120 -19.38 22.67 -24.00
C PRO B 120 -18.90 24.11 -24.16
N ASP B 121 -19.25 24.97 -23.22
CA ASP B 121 -18.86 26.37 -23.33
C ASP B 121 -17.44 26.62 -22.86
N ALA B 122 -16.80 25.63 -22.23
CA ALA B 122 -15.41 25.81 -21.75
C ALA B 122 -14.49 25.90 -22.96
N LEU B 123 -13.61 26.91 -22.98
CA LEU B 123 -12.69 27.13 -24.08
C LEU B 123 -11.24 26.86 -23.74
N VAL B 124 -10.95 26.72 -22.45
CA VAL B 124 -9.63 26.50 -21.95
C VAL B 124 -9.70 25.82 -20.57
N GLU B 125 -8.72 24.99 -20.30
CA GLU B 125 -8.52 24.35 -19.01
C GLU B 125 -7.03 24.25 -18.78
N ILE B 126 -6.57 24.55 -17.55
CA ILE B 126 -5.18 24.48 -17.25
C ILE B 126 -4.94 23.74 -15.94
N ALA B 127 -3.96 22.84 -15.94
CA ALA B 127 -3.41 22.21 -14.74
C ALA B 127 -1.97 22.62 -14.60
N THR B 128 -1.47 22.63 -13.38
CA THR B 128 -0.22 23.35 -13.06
C THR B 128 0.58 22.58 -12.03
N ILE B 129 1.92 22.63 -12.16
CA ILE B 129 2.81 22.11 -11.21
C ILE B 129 3.71 23.25 -10.77
N ALA B 130 3.93 23.33 -9.46
CA ALA B 130 4.77 24.46 -8.93
C ALA B 130 5.65 23.87 -7.89
N HIS B 131 6.86 24.43 -7.74
CA HIS B 131 7.78 24.03 -6.65
C HIS B 131 7.91 25.16 -5.74
N ILE B 132 7.44 25.00 -4.52
CA ILE B 132 7.35 26.13 -3.59
C ILE B 132 8.36 25.95 -2.51
N ALA B 133 8.67 27.06 -1.81
CA ALA B 133 9.67 27.03 -0.71
C ALA B 133 9.12 26.12 0.37
N LYS B 134 10.03 25.51 1.13
CA LYS B 134 9.67 24.44 2.10
C LYS B 134 10.90 23.97 2.92
N LEU C 1 12.89 34.16 -1.93
CA LEU C 1 13.62 34.13 -3.25
C LEU C 1 15.01 33.49 -3.11
N TYR C 2 15.94 33.83 -4.02
CA TYR C 2 17.21 33.06 -4.24
C TYR C 2 18.20 33.11 -3.07
N PHE C 3 18.30 34.30 -2.50
CA PHE C 3 19.18 34.53 -1.38
C PHE C 3 18.59 33.86 -0.15
N GLN C 4 17.26 33.77 -0.04
CA GLN C 4 16.62 33.05 1.06
C GLN C 4 16.67 31.51 1.00
N GLY C 5 17.31 30.92 0.00
CA GLY C 5 17.31 29.45 -0.12
C GLY C 5 16.36 28.88 -1.18
N HIS C 6 15.11 29.35 -1.23
CA HIS C 6 14.22 29.02 -2.34
C HIS C 6 14.86 29.54 -3.56
N MSE C 7 15.61 28.67 -4.23
CA MSE C 7 16.26 29.00 -5.49
CA MSE C 7 16.25 29.03 -5.49
C MSE C 7 15.15 29.06 -6.51
O MSE C 7 14.32 28.16 -6.55
CB MSE C 7 17.28 27.90 -5.89
CB MSE C 7 17.36 28.01 -5.82
CG MSE C 7 17.72 26.90 -4.79
CG MSE C 7 18.32 28.38 -6.97
SE MSE C 7 18.51 25.26 -5.57
SE MSE C 7 20.02 29.22 -6.40
CE MSE C 7 19.24 24.44 -3.91
CE MSE C 7 19.43 31.08 -6.14
N PRO C 8 15.12 30.11 -7.36
CA PRO C 8 14.07 30.12 -8.38
C PRO C 8 14.29 29.00 -9.46
N LYS C 9 13.25 28.60 -10.18
CA LYS C 9 13.45 27.68 -11.31
C LYS C 9 14.45 28.27 -12.29
N SER C 10 15.17 27.43 -12.97
CA SER C 10 16.08 27.88 -14.01
C SER C 10 15.35 27.58 -15.26
N VAL C 11 15.44 28.47 -16.23
CA VAL C 11 14.96 28.16 -17.55
C VAL C 11 16.12 27.47 -18.27
N ILE C 12 15.79 26.56 -19.18
CA ILE C 12 16.79 25.79 -19.91
C ILE C 12 16.58 26.16 -21.35
N ILE C 13 17.57 26.81 -21.94
CA ILE C 13 17.51 27.22 -23.33
C ILE C 13 18.81 26.75 -24.00
N PRO C 14 18.77 25.60 -24.70
CA PRO C 14 20.00 25.09 -25.31
C PRO C 14 20.56 26.06 -26.34
N ALA C 15 21.90 26.16 -26.42
CA ALA C 15 22.58 26.95 -27.44
C ALA C 15 21.96 26.65 -28.79
N GLY C 16 21.52 27.69 -29.51
CA GLY C 16 20.97 27.51 -30.86
C GLY C 16 19.46 27.32 -30.93
N SER C 17 18.79 27.09 -29.81
CA SER C 17 17.33 26.94 -29.86
C SER C 17 16.76 28.26 -30.42
N SER C 18 15.70 28.17 -31.24
CA SER C 18 15.10 29.32 -31.88
C SER C 18 13.81 29.78 -31.18
N ALA C 19 13.27 30.94 -31.58
CA ALA C 19 12.05 31.56 -30.97
C ALA C 19 10.82 30.61 -30.78
N PRO C 20 10.20 30.59 -29.56
CA PRO C 20 9.01 29.70 -29.37
C PRO C 20 7.64 30.24 -29.92
N LEU C 21 6.75 29.33 -30.36
CA LEU C 21 5.39 29.67 -30.87
C LEU C 21 4.50 30.40 -29.85
N ALA C 22 4.87 30.33 -28.58
CA ALA C 22 4.16 31.02 -27.49
C ALA C 22 5.12 31.36 -26.31
N PRO C 23 4.56 31.96 -25.24
CA PRO C 23 5.30 32.25 -24.00
C PRO C 23 5.65 31.01 -23.14
N PHE C 24 6.69 30.31 -23.55
CA PHE C 24 7.25 29.20 -22.80
C PHE C 24 8.71 29.00 -23.20
N VAL C 25 9.44 28.28 -22.37
CA VAL C 25 10.79 27.95 -22.64
C VAL C 25 10.94 26.48 -23.01
N PRO C 26 12.08 26.09 -23.54
CA PRO C 26 12.23 24.71 -23.90
C PRO C 26 12.07 23.79 -22.68
N GLY C 27 12.56 24.21 -21.53
CA GLY C 27 12.38 23.47 -20.30
C GLY C 27 12.67 24.29 -19.08
N THR C 28 12.24 23.78 -17.93
CA THR C 28 12.55 24.36 -16.65
C THR C 28 13.20 23.32 -15.73
N LEU C 29 13.94 23.78 -14.74
CA LEU C 29 14.63 22.91 -13.80
C LEU C 29 14.39 23.51 -12.44
N ALA C 30 13.89 22.68 -11.52
CA ALA C 30 13.72 23.11 -10.12
C ALA C 30 13.95 21.89 -9.22
N ASP C 31 14.82 22.04 -8.25
CA ASP C 31 15.04 20.99 -7.24
C ASP C 31 15.37 19.64 -7.91
N GLY C 32 16.19 19.69 -8.96
CA GLY C 32 16.68 18.49 -9.57
C GLY C 32 15.69 17.87 -10.53
N VAL C 33 14.54 18.50 -10.74
CA VAL C 33 13.52 17.99 -11.68
C VAL C 33 13.43 18.88 -12.90
N VAL C 34 13.56 18.27 -14.08
CA VAL C 34 13.50 18.96 -15.35
C VAL C 34 12.13 18.70 -15.94
N TYR C 35 11.41 19.79 -16.27
CA TYR C 35 10.16 19.73 -17.05
C TYR C 35 10.43 20.24 -18.43
N VAL C 36 10.35 19.36 -19.45
CA VAL C 36 10.51 19.76 -20.84
C VAL C 36 9.16 20.05 -21.41
N SER C 37 9.06 21.19 -22.10
CA SER C 37 7.84 21.58 -22.75
C SER C 37 7.44 20.60 -23.81
N GLY C 38 6.16 20.60 -24.16
CA GLY C 38 5.71 19.83 -25.28
C GLY C 38 6.54 20.25 -26.45
N THR C 39 7.14 19.29 -27.12
CA THR C 39 8.10 19.58 -28.18
C THR C 39 7.56 18.97 -29.48
N LEU C 40 7.58 19.76 -30.54
CA LEU C 40 7.15 19.32 -31.88
C LEU C 40 8.35 19.40 -32.83
N ALA C 41 8.19 18.86 -34.03
CA ALA C 41 9.27 18.85 -35.02
C ALA C 41 9.32 20.18 -35.77
N PHE C 42 9.79 21.22 -35.08
CA PHE C 42 9.82 22.57 -35.61
C PHE C 42 11.21 22.93 -36.09
N ASP C 43 11.26 23.65 -37.22
CA ASP C 43 12.48 24.31 -37.70
C ASP C 43 12.67 25.56 -36.85
N GLN C 44 13.74 26.30 -37.09
CA GLN C 44 13.72 27.72 -36.76
C GLN C 44 12.38 28.23 -37.41
N HIS C 45 11.87 29.32 -36.88
CA HIS C 45 10.63 29.91 -37.31
C HIS C 45 9.40 29.03 -37.17
N ASN C 46 9.50 27.90 -36.46
CA ASN C 46 8.30 27.17 -36.05
C ASN C 46 7.39 26.65 -37.19
N ASN C 47 8.00 26.21 -38.30
CA ASN C 47 7.32 25.41 -39.29
C ASN C 47 7.58 23.96 -38.97
N VAL C 48 6.63 23.10 -39.28
CA VAL C 48 6.77 21.68 -39.07
C VAL C 48 7.70 21.05 -40.12
N LEU C 49 8.71 20.32 -39.68
CA LEU C 49 9.59 19.57 -40.55
C LEU C 49 9.02 18.18 -40.81
N PHE C 50 9.31 17.62 -41.98
CA PHE C 50 9.00 16.22 -42.32
C PHE C 50 7.48 15.90 -42.29
N ALA C 51 6.71 16.66 -43.09
CA ALA C 51 5.26 16.65 -43.11
C ALA C 51 4.52 15.32 -42.95
N ASP C 52 4.88 14.36 -43.77
CA ASP C 52 4.18 13.08 -43.81
C ASP C 52 5.07 11.94 -43.31
N ASP C 53 6.02 12.26 -42.43
CA ASP C 53 7.01 11.30 -41.99
C ASP C 53 7.07 11.23 -40.45
N PRO C 54 6.22 10.37 -39.86
CA PRO C 54 6.17 10.40 -38.37
C PRO C 54 7.49 9.96 -37.77
N LYS C 55 8.22 9.07 -38.44
CA LYS C 55 9.50 8.63 -37.88
C LYS C 55 10.46 9.83 -37.76
N ALA C 56 10.56 10.62 -38.82
CA ALA C 56 11.52 11.74 -38.83
C ALA C 56 11.09 12.82 -37.83
N GLN C 57 9.78 13.06 -37.73
CA GLN C 57 9.27 14.01 -36.72
C GLN C 57 9.56 13.57 -35.31
N THR C 58 9.36 12.29 -35.01
CA THR C 58 9.64 11.76 -33.65
C THR C 58 11.11 11.87 -33.33
N ARG C 59 11.96 11.55 -34.30
CA ARG C 59 13.38 11.66 -34.10
C ARG C 59 13.79 13.11 -33.76
N HIS C 60 13.29 14.07 -34.53
CA HIS C 60 13.63 15.47 -34.32
C HIS C 60 13.18 15.96 -32.93
N VAL C 61 11.97 15.57 -32.55
CA VAL C 61 11.42 15.89 -31.24
C VAL C 61 12.32 15.34 -30.12
N LEU C 62 12.73 14.08 -30.24
CA LEU C 62 13.49 13.45 -29.10
C LEU C 62 14.90 13.97 -29.06
N GLU C 63 15.45 14.35 -30.21
CA GLU C 63 16.76 15.04 -30.24
C GLU C 63 16.70 16.37 -29.49
N THR C 64 15.63 17.12 -29.70
CA THR C 64 15.43 18.42 -29.01
C THR C 64 15.27 18.19 -27.50
N ILE C 65 14.42 17.20 -27.14
CA ILE C 65 14.21 16.91 -25.74
C ILE C 65 15.48 16.49 -25.05
N ARG C 66 16.27 15.66 -25.73
CA ARG C 66 17.57 15.28 -25.20
C ARG C 66 18.49 16.47 -24.93
N LYS C 67 18.53 17.44 -25.86
CA LYS C 67 19.38 18.62 -25.68
C LYS C 67 18.92 19.39 -24.45
N VAL C 68 17.62 19.51 -24.26
CA VAL C 68 17.12 20.24 -23.09
C VAL C 68 17.62 19.51 -21.81
N ILE C 69 17.44 18.21 -21.74
CA ILE C 69 17.83 17.46 -20.55
C ILE C 69 19.32 17.51 -20.35
N GLU C 70 20.10 17.40 -21.43
CA GLU C 70 21.58 17.47 -21.32
C GLU C 70 22.05 18.82 -20.90
N THR C 71 21.44 19.86 -21.44
CA THR C 71 21.82 21.24 -21.07
C THR C 71 21.58 21.44 -19.57
N ALA C 72 20.52 20.81 -19.04
CA ALA C 72 20.12 20.98 -17.67
C ALA C 72 21.05 20.22 -16.73
N GLY C 73 21.80 19.28 -17.28
CA GLY C 73 22.77 18.53 -16.50
C GLY C 73 22.41 17.06 -16.35
N GLY C 74 21.51 16.54 -17.16
CA GLY C 74 21.16 15.12 -17.07
C GLY C 74 21.29 14.33 -18.37
N THR C 75 20.72 13.13 -18.40
CA THR C 75 20.78 12.29 -19.58
C THR C 75 19.41 11.69 -19.77
N MSE C 76 19.20 11.04 -20.91
CA MSE C 76 17.88 10.41 -21.19
C MSE C 76 17.57 9.33 -20.17
O MSE C 76 16.39 9.04 -19.93
CB MSE C 76 17.83 9.81 -22.61
CG MSE C 76 17.82 10.90 -23.68
SE MSE C 76 16.19 12.04 -23.59
CE MSE C 76 15.33 11.48 -25.33
N ALA C 77 18.58 8.66 -19.61
CA ALA C 77 18.32 7.66 -18.57
C ALA C 77 17.60 8.27 -17.32
N ASP C 78 17.70 9.58 -17.15
CA ASP C 78 17.03 10.27 -16.04
C ASP C 78 15.55 10.55 -16.24
N VAL C 79 15.06 10.34 -17.46
CA VAL C 79 13.69 10.61 -17.75
C VAL C 79 12.80 9.62 -16.99
N THR C 80 11.85 10.15 -16.19
CA THR C 80 10.92 9.32 -15.49
C THR C 80 9.57 9.18 -16.18
N PHE C 81 9.19 10.16 -16.98
CA PHE C 81 7.89 10.13 -17.59
C PHE C 81 7.85 10.92 -18.90
N ASN C 82 7.17 10.37 -19.91
CA ASN C 82 6.93 11.08 -21.14
C ASN C 82 5.44 11.12 -21.45
N SER C 83 4.94 12.29 -21.85
CA SER C 83 3.59 12.51 -22.29
C SER C 83 3.64 12.64 -23.81
N ILE C 84 3.01 11.70 -24.50
CA ILE C 84 3.06 11.66 -25.94
C ILE C 84 1.65 11.93 -26.47
N PHE C 85 1.59 12.86 -27.39
CA PHE C 85 0.38 13.26 -28.09
C PHE C 85 0.54 12.97 -29.57
N ILE C 86 -0.40 12.23 -30.17
CA ILE C 86 -0.36 11.95 -31.62
C ILE C 86 -1.71 12.30 -32.26
N THR C 87 -1.72 12.42 -33.60
CA THR C 87 -2.94 12.77 -34.32
C THR C 87 -3.63 11.55 -34.95
N ASP C 88 -2.90 10.45 -35.16
CA ASP C 88 -3.42 9.30 -35.87
C ASP C 88 -2.78 7.99 -35.38
N TRP C 89 -3.59 7.09 -34.86
CA TRP C 89 -3.08 5.78 -34.44
C TRP C 89 -2.36 4.95 -35.51
N LYS C 90 -2.58 5.22 -36.79
CA LYS C 90 -1.80 4.53 -37.84
C LYS C 90 -0.31 4.82 -37.75
N ASN C 91 0.07 5.89 -37.04
CA ASN C 91 1.46 6.29 -36.88
C ASN C 91 2.09 5.80 -35.59
N TYR C 92 1.30 5.16 -34.74
CA TYR C 92 1.75 4.71 -33.44
C TYR C 92 2.96 3.79 -33.51
N ALA C 93 2.93 2.80 -34.39
CA ALA C 93 4.06 1.88 -34.53
C ALA C 93 5.36 2.60 -34.86
N ALA C 94 5.30 3.50 -35.85
CA ALA C 94 6.48 4.23 -36.29
C ALA C 94 7.05 5.10 -35.16
N ILE C 95 6.15 5.77 -34.42
CA ILE C 95 6.54 6.68 -33.35
C ILE C 95 7.22 5.83 -32.27
N ASN C 96 6.60 4.71 -31.90
CA ASN C 96 7.18 3.80 -30.93
C ASN C 96 8.57 3.28 -31.30
N GLU C 97 8.76 2.97 -32.58
CA GLU C 97 10.02 2.42 -33.06
C GLU C 97 11.13 3.42 -32.81
N ILE C 98 10.93 4.67 -33.20
CA ILE C 98 11.95 5.68 -32.94
C ILE C 98 12.14 5.96 -31.46
N TYR C 99 11.02 6.07 -30.77
CA TYR C 99 11.02 6.31 -29.33
C TYR C 99 11.95 5.35 -28.61
N ALA C 100 11.84 4.07 -28.90
CA ALA C 100 12.60 3.03 -28.24
C ALA C 100 14.10 3.26 -28.37
N GLU C 101 14.52 3.75 -29.54
CA GLU C 101 15.91 3.99 -29.80
C GLU C 101 16.49 4.99 -28.85
N PHE C 102 15.67 5.95 -28.40
CA PHE C 102 16.18 7.01 -27.55
C PHE C 102 16.24 6.65 -26.08
N PHE C 103 15.64 5.51 -25.70
CA PHE C 103 15.60 5.08 -24.29
C PHE C 103 16.04 3.62 -24.17
N PRO C 104 17.31 3.39 -24.41
CA PRO C 104 17.88 2.04 -24.36
C PRO C 104 17.92 1.63 -22.85
N GLY C 105 17.76 0.37 -22.49
CA GLY C 105 17.79 0.05 -21.06
C GLY C 105 16.43 0.37 -20.48
N ASP C 106 16.39 0.61 -19.17
CA ASP C 106 15.12 0.76 -18.46
C ASP C 106 14.32 1.92 -19.01
N LYS C 107 13.10 1.65 -19.44
CA LYS C 107 12.24 2.62 -20.10
C LYS C 107 11.49 3.52 -19.08
N PRO C 108 11.18 4.72 -19.47
CA PRO C 108 10.34 5.57 -18.65
C PRO C 108 8.89 5.07 -18.59
N ALA C 109 8.14 5.62 -17.67
CA ALA C 109 6.73 5.53 -17.65
C ALA C 109 6.22 6.50 -18.73
N ARG C 110 5.04 6.27 -19.27
CA ARG C 110 4.52 7.21 -20.25
C ARG C 110 3.00 7.09 -20.40
N PHE C 111 2.43 8.06 -21.08
CA PHE C 111 1.13 7.85 -21.74
C PHE C 111 1.26 8.25 -23.21
N CYS C 112 0.33 7.77 -24.03
CA CYS C 112 0.19 8.23 -25.40
C CYS C 112 -1.28 8.39 -25.67
N ILE C 113 -1.68 9.59 -26.05
CA ILE C 113 -3.12 9.81 -26.41
C ILE C 113 -3.22 10.48 -27.74
N GLN C 114 -4.42 10.47 -28.29
CA GLN C 114 -4.66 11.10 -29.58
C GLN C 114 -5.45 12.37 -29.37
N CYS C 115 -5.00 13.48 -29.94
CA CYS C 115 -5.65 14.77 -29.76
C CYS C 115 -5.34 15.70 -30.93
N GLY C 116 -5.76 16.96 -30.85
CA GLY C 116 -5.30 17.98 -31.78
C GLY C 116 -4.01 18.71 -31.36
N LEU C 117 -3.20 19.06 -32.35
CA LEU C 117 -1.90 19.73 -32.17
C LEU C 117 -1.89 21.07 -32.82
N VAL C 118 -0.97 21.91 -32.39
CA VAL C 118 -0.95 23.28 -32.79
C VAL C 118 -0.85 23.52 -34.32
N LYS C 119 -0.18 22.63 -35.05
CA LYS C 119 -0.13 22.73 -36.53
C LYS C 119 -0.61 21.50 -37.20
N PRO C 120 -1.21 21.69 -38.37
CA PRO C 120 -1.82 20.60 -39.09
C PRO C 120 -0.83 19.54 -39.53
N ASP C 121 0.38 19.91 -39.90
CA ASP C 121 1.33 18.89 -40.35
C ASP C 121 2.05 18.18 -39.22
N ALA C 122 1.89 18.67 -37.99
CA ALA C 122 2.50 18.00 -36.82
C ALA C 122 1.84 16.63 -36.58
N LEU C 123 2.63 15.58 -36.45
CA LEU C 123 2.11 14.24 -36.24
C LEU C 123 2.33 13.74 -34.80
N VAL C 124 3.19 14.41 -34.06
CA VAL C 124 3.56 13.94 -32.73
C VAL C 124 4.03 15.14 -31.93
N GLU C 125 3.80 15.09 -30.62
CA GLU C 125 4.36 16.02 -29.68
C GLU C 125 4.69 15.26 -28.42
N ILE C 126 5.80 15.59 -27.75
CA ILE C 126 6.19 14.93 -26.50
C ILE C 126 6.62 15.96 -25.47
N ALA C 127 6.12 15.78 -24.23
CA ALA C 127 6.60 16.49 -23.05
C ALA C 127 7.22 15.51 -22.09
N THR C 128 8.17 15.94 -21.23
CA THR C 128 9.01 15.03 -20.56
C THR C 128 9.36 15.54 -19.16
N ILE C 129 9.43 14.60 -18.22
CA ILE C 129 9.94 14.89 -16.85
C ILE C 129 11.17 14.05 -16.60
N ALA C 130 12.22 14.64 -15.97
CA ALA C 130 13.41 13.92 -15.72
C ALA C 130 13.95 14.32 -14.29
N HIS C 131 14.48 13.36 -13.56
CA HIS C 131 15.05 13.60 -12.25
C HIS C 131 16.48 13.48 -12.42
N ILE C 132 17.19 14.61 -12.26
CA ILE C 132 18.56 14.62 -12.62
C ILE C 132 19.51 14.84 -11.47
N ALA C 133 19.09 15.20 -10.27
CA ALA C 133 20.18 15.61 -9.26
C ALA C 133 20.57 14.42 -8.39
N HIS D 6 -18.91 -27.51 5.33
CA HIS D 6 -17.43 -27.56 5.28
C HIS D 6 -16.86 -28.94 4.90
N MSE D 7 -15.81 -28.98 4.07
CA MSE D 7 -14.89 -30.14 4.09
CA MSE D 7 -14.89 -30.13 4.10
C MSE D 7 -14.24 -29.99 5.46
O MSE D 7 -13.86 -28.88 5.84
CB MSE D 7 -13.86 -30.23 2.93
CB MSE D 7 -13.80 -30.11 3.03
CG MSE D 7 -12.42 -29.80 3.22
CG MSE D 7 -12.93 -31.38 3.16
SE MSE D 7 -11.78 -28.43 1.93
SE MSE D 7 -11.90 -31.96 1.57
CE MSE D 7 -11.93 -26.90 3.17
CE MSE D 7 -10.14 -32.06 2.48
N PRO D 8 -14.10 -31.10 6.23
CA PRO D 8 -13.50 -30.93 7.55
C PRO D 8 -11.98 -30.63 7.49
N LYS D 9 -11.40 -30.04 8.54
CA LYS D 9 -9.97 -29.87 8.60
C LYS D 9 -9.31 -31.23 8.45
N SER D 10 -8.13 -31.25 7.89
CA SER D 10 -7.36 -32.48 7.83
C SER D 10 -6.35 -32.35 8.91
N VAL D 11 -6.04 -33.44 9.59
CA VAL D 11 -4.91 -33.45 10.49
C VAL D 11 -3.70 -33.86 9.65
N ILE D 12 -2.53 -33.36 10.01
CA ILE D 12 -1.29 -33.62 9.27
C ILE D 12 -0.36 -34.29 10.25
N ILE D 13 -0.03 -35.53 9.99
CA ILE D 13 0.79 -36.34 10.87
C ILE D 13 1.88 -37.00 9.98
N PRO D 14 3.07 -36.42 9.92
CA PRO D 14 4.08 -36.93 9.01
C PRO D 14 4.49 -38.35 9.35
N ALA D 15 4.73 -39.16 8.31
CA ALA D 15 5.28 -40.53 8.42
C ALA D 15 6.46 -40.54 9.37
N GLY D 16 6.41 -41.39 10.39
CA GLY D 16 7.49 -41.47 11.39
C GLY D 16 7.37 -40.56 12.61
N SER D 17 6.48 -39.57 12.60
CA SER D 17 6.32 -38.70 13.76
C SER D 17 5.84 -39.59 14.94
N SER D 18 6.27 -39.26 16.16
CA SER D 18 5.91 -40.03 17.37
C SER D 18 4.96 -39.26 18.29
N ALA D 19 4.71 -39.81 19.47
CA ALA D 19 3.81 -39.22 20.46
C ALA D 19 4.48 -39.07 21.84
N ALA D 22 -1.04 -37.00 23.33
CA ALA D 22 -1.42 -35.59 23.68
C ALA D 22 -2.67 -35.12 22.90
N PRO D 23 -3.45 -34.17 23.46
CA PRO D 23 -4.60 -33.75 22.70
C PRO D 23 -4.26 -32.61 21.68
N PHE D 24 -3.28 -32.87 20.82
CA PHE D 24 -3.07 -32.05 19.61
C PHE D 24 -2.39 -32.89 18.51
N VAL D 25 -2.38 -32.37 17.28
CA VAL D 25 -1.70 -32.97 16.19
C VAL D 25 -0.57 -32.07 15.71
N PRO D 26 0.35 -32.59 14.88
CA PRO D 26 1.47 -31.73 14.51
C PRO D 26 1.03 -30.50 13.72
N GLY D 27 -0.02 -30.67 12.91
CA GLY D 27 -0.61 -29.56 12.21
C GLY D 27 -1.99 -29.85 11.71
N THR D 28 -2.69 -28.80 11.32
CA THR D 28 -3.98 -28.97 10.68
C THR D 28 -4.00 -28.21 9.37
N LEU D 29 -4.86 -28.62 8.45
CA LEU D 29 -5.00 -27.99 7.14
C LEU D 29 -6.50 -27.76 6.91
N ALA D 30 -6.86 -26.52 6.58
CA ALA D 30 -8.22 -26.16 6.25
C ALA D 30 -8.20 -25.03 5.21
N ASP D 31 -8.90 -25.24 4.10
CA ASP D 31 -9.05 -24.21 3.04
C ASP D 31 -7.72 -23.68 2.55
N GLY D 32 -6.75 -24.58 2.35
CA GLY D 32 -5.41 -24.16 1.96
C GLY D 32 -4.48 -23.59 3.00
N VAL D 33 -4.91 -23.49 4.27
CA VAL D 33 -4.07 -22.90 5.32
C VAL D 33 -3.63 -24.03 6.22
N VAL D 34 -2.32 -24.08 6.45
CA VAL D 34 -1.71 -25.03 7.38
C VAL D 34 -1.39 -24.28 8.67
N TYR D 35 -1.89 -24.81 9.78
CA TYR D 35 -1.55 -24.33 11.13
C TYR D 35 -0.69 -25.40 11.77
N VAL D 36 0.59 -25.11 11.98
CA VAL D 36 1.49 -26.04 12.60
C VAL D 36 1.49 -25.72 14.07
N SER D 37 1.32 -26.75 14.89
CA SER D 37 1.42 -26.65 16.32
C SER D 37 2.80 -26.10 16.77
N GLY D 38 2.81 -25.48 17.94
CA GLY D 38 4.05 -25.11 18.58
C GLY D 38 4.92 -26.32 18.64
N THR D 39 6.12 -26.21 18.11
CA THR D 39 7.01 -27.32 17.95
C THR D 39 8.26 -27.04 18.75
N LEU D 40 8.66 -28.07 19.55
CA LEU D 40 9.88 -28.03 20.36
C LEU D 40 10.88 -29.10 19.87
N ALA D 41 12.11 -29.05 20.34
CA ALA D 41 13.14 -30.03 19.92
C ALA D 41 12.95 -31.32 20.73
N PHE D 42 11.97 -32.12 20.36
CA PHE D 42 11.64 -33.33 21.09
C PHE D 42 12.06 -34.62 20.41
N ASP D 43 12.29 -35.66 21.24
CA ASP D 43 12.44 -37.06 20.89
C ASP D 43 11.15 -37.64 20.45
N GLN D 44 11.19 -38.88 19.99
CA GLN D 44 9.98 -39.66 19.85
C GLN D 44 9.38 -39.91 21.25
N HIS D 45 10.17 -39.73 22.31
CA HIS D 45 9.71 -39.85 23.71
C HIS D 45 9.41 -38.53 24.41
N ASN D 46 9.32 -37.45 23.65
CA ASN D 46 9.12 -36.09 24.19
C ASN D 46 10.13 -35.61 25.24
N ASN D 47 11.38 -36.06 25.09
CA ASN D 47 12.48 -35.51 25.86
C ASN D 47 13.14 -34.47 24.96
N VAL D 48 13.68 -33.42 25.57
CA VAL D 48 14.31 -32.31 24.84
C VAL D 48 15.67 -32.79 24.33
N LEU D 49 15.91 -32.66 23.02
CA LEU D 49 17.18 -32.97 22.41
C LEU D 49 18.06 -31.68 22.49
N PHE D 50 19.37 -31.85 22.65
CA PHE D 50 20.34 -30.74 22.55
C PHE D 50 20.17 -29.66 23.64
N ALA D 51 20.24 -30.11 24.89
CA ALA D 51 19.90 -29.32 26.10
C ALA D 51 20.39 -27.85 26.16
N ASP D 52 21.67 -27.63 25.89
CA ASP D 52 22.26 -26.31 26.01
C ASP D 52 22.70 -25.76 24.64
N ASP D 53 22.03 -26.18 23.57
CA ASP D 53 22.44 -25.83 22.22
C ASP D 53 21.24 -25.25 21.45
N PRO D 54 21.06 -23.92 21.55
CA PRO D 54 19.89 -23.34 20.88
C PRO D 54 19.92 -23.52 19.38
N LYS D 55 21.11 -23.53 18.78
CA LYS D 55 21.17 -23.70 17.33
C LYS D 55 20.62 -25.07 16.93
N ALA D 56 21.05 -26.13 17.61
CA ALA D 56 20.65 -27.49 17.24
C ALA D 56 19.16 -27.67 17.55
N GLN D 57 18.68 -27.08 18.62
CA GLN D 57 17.21 -27.12 18.92
C GLN D 57 16.39 -26.43 17.86
N THR D 58 16.83 -25.23 17.44
CA THR D 58 16.11 -24.54 16.42
C THR D 58 16.08 -25.30 15.12
N ARG D 59 17.21 -25.91 14.76
CA ARG D 59 17.26 -26.67 13.54
C ARG D 59 16.27 -27.84 13.57
N HIS D 60 16.22 -28.56 14.69
CA HIS D 60 15.35 -29.69 14.80
C HIS D 60 13.89 -29.26 14.71
N VAL D 61 13.55 -28.14 15.38
CA VAL D 61 12.21 -27.56 15.31
C VAL D 61 11.80 -27.20 13.87
N LEU D 62 12.70 -26.57 13.10
CA LEU D 62 12.34 -26.14 11.80
C LEU D 62 12.30 -27.28 10.80
N GLU D 63 13.12 -28.30 11.00
CA GLU D 63 12.98 -29.54 10.24
C GLU D 63 11.62 -30.17 10.42
N THR D 64 11.15 -30.25 11.66
CA THR D 64 9.84 -30.84 11.98
C THR D 64 8.73 -30.00 11.33
N ILE D 65 8.79 -28.69 11.52
CA ILE D 65 7.78 -27.79 10.92
C ILE D 65 7.78 -27.97 9.40
N ARG D 66 8.95 -28.01 8.79
CA ARG D 66 9.03 -28.29 7.36
C ARG D 66 8.31 -29.58 6.91
N LYS D 67 8.54 -30.68 7.65
CA LYS D 67 7.90 -31.96 7.32
C LYS D 67 6.38 -31.81 7.42
N VAL D 68 5.90 -31.07 8.41
CA VAL D 68 4.45 -30.88 8.52
C VAL D 68 3.96 -30.15 7.28
N ILE D 69 4.60 -29.06 6.92
CA ILE D 69 4.13 -28.26 5.78
C ILE D 69 4.24 -29.05 4.46
N GLU D 70 5.34 -29.79 4.27
CA GLU D 70 5.52 -30.63 3.09
C GLU D 70 4.54 -31.76 3.02
N THR D 71 4.28 -32.41 4.14
CA THR D 71 3.26 -33.46 4.19
C THR D 71 1.89 -32.89 3.77
N ALA D 72 1.62 -31.64 4.13
CA ALA D 72 0.33 -31.03 3.79
C ALA D 72 0.21 -30.66 2.31
N GLY D 73 1.36 -30.58 1.66
CA GLY D 73 1.42 -30.20 0.26
C GLY D 73 2.02 -28.83 0.02
N GLY D 74 2.76 -28.26 0.97
CA GLY D 74 3.39 -26.96 0.69
C GLY D 74 4.92 -27.00 0.84
N THR D 75 5.53 -25.82 0.87
CA THR D 75 6.93 -25.66 1.07
C THR D 75 7.13 -24.52 2.02
N MSE D 76 8.35 -24.34 2.48
CA MSE D 76 8.64 -23.30 3.47
C MSE D 76 8.38 -21.92 2.87
O MSE D 76 8.10 -20.99 3.60
CB MSE D 76 10.09 -23.38 3.98
CG MSE D 76 10.33 -24.60 4.86
SE MSE D 76 9.25 -24.55 6.52
CE MSE D 76 10.71 -24.09 7.76
N ALA D 77 8.52 -21.77 1.55
CA ALA D 77 8.19 -20.49 0.91
C ALA D 77 6.72 -20.07 1.11
N ASP D 78 5.83 -21.05 1.38
CA ASP D 78 4.40 -20.78 1.66
C ASP D 78 4.12 -20.24 3.06
N VAL D 79 5.12 -20.28 3.95
CA VAL D 79 4.90 -19.81 5.31
C VAL D 79 4.65 -18.29 5.31
N THR D 80 3.57 -17.85 5.95
CA THR D 80 3.25 -16.44 6.05
C THR D 80 3.56 -15.87 7.41
N PHE D 81 3.53 -16.71 8.45
CA PHE D 81 3.82 -16.16 9.80
C PHE D 81 4.46 -17.23 10.68
N ASN D 82 5.45 -16.84 11.52
CA ASN D 82 5.93 -17.71 12.53
C ASN D 82 5.83 -17.05 13.88
N SER D 83 5.39 -17.79 14.89
CA SER D 83 5.39 -17.35 16.28
C SER D 83 6.51 -18.03 16.94
N ILE D 84 7.45 -17.25 17.55
CA ILE D 84 8.62 -17.82 18.14
C ILE D 84 8.68 -17.42 19.65
N PHE D 85 8.87 -18.43 20.47
CA PHE D 85 8.87 -18.38 21.91
C PHE D 85 10.25 -18.82 22.36
N ILE D 86 10.93 -17.98 23.15
CA ILE D 86 12.22 -18.35 23.61
C ILE D 86 12.29 -18.13 25.12
N THR D 87 13.28 -18.76 25.78
CA THR D 87 13.44 -18.59 27.25
C THR D 87 14.48 -17.53 27.63
N ASP D 88 15.38 -17.17 26.73
CA ASP D 88 16.52 -16.30 27.06
C ASP D 88 17.03 -15.52 25.87
N TRP D 89 16.99 -14.20 25.95
CA TRP D 89 17.50 -13.34 24.82
C TRP D 89 18.94 -13.56 24.46
N LYS D 90 19.75 -14.13 25.37
CA LYS D 90 21.13 -14.46 24.99
C LYS D 90 21.21 -15.44 23.84
N ASN D 91 20.10 -16.16 23.56
CA ASN D 91 20.03 -17.18 22.53
C ASN D 91 19.40 -16.67 21.22
N TYR D 92 18.95 -15.42 21.22
CA TYR D 92 18.28 -14.82 20.07
C TYR D 92 19.11 -14.82 18.80
N ALA D 93 20.37 -14.41 18.90
CA ALA D 93 21.23 -14.35 17.71
C ALA D 93 21.39 -15.78 17.08
N ALA D 94 21.65 -16.78 17.92
CA ALA D 94 21.81 -18.12 17.44
C ALA D 94 20.55 -18.65 16.75
N ILE D 95 19.39 -18.36 17.37
CA ILE D 95 18.13 -18.88 16.88
C ILE D 95 17.84 -18.21 15.55
N ASN D 96 18.11 -16.90 15.47
CA ASN D 96 17.89 -16.20 14.19
C ASN D 96 18.78 -16.70 13.07
N GLU D 97 20.07 -17.01 13.39
CA GLU D 97 20.98 -17.51 12.38
C GLU D 97 20.42 -18.81 11.72
N ILE D 98 19.96 -19.77 12.52
CA ILE D 98 19.45 -21.00 11.96
C ILE D 98 18.12 -20.74 11.22
N TYR D 99 17.29 -19.94 11.85
CA TYR D 99 16.00 -19.59 11.28
C TYR D 99 16.13 -19.06 9.84
N ALA D 100 17.08 -18.15 9.60
CA ALA D 100 17.30 -17.57 8.30
C ALA D 100 17.68 -18.60 7.26
N GLU D 101 18.39 -19.66 7.66
CA GLU D 101 18.73 -20.74 6.72
C GLU D 101 17.51 -21.44 6.18
N PHE D 102 16.46 -21.56 6.99
CA PHE D 102 15.29 -22.30 6.55
C PHE D 102 14.33 -21.50 5.72
N PHE D 103 14.52 -20.20 5.64
CA PHE D 103 13.64 -19.30 4.86
C PHE D 103 14.46 -18.44 3.88
N PRO D 104 15.00 -19.09 2.87
CA PRO D 104 15.99 -18.41 2.01
C PRO D 104 15.40 -17.25 1.20
N GLY D 105 14.18 -17.35 0.74
CA GLY D 105 13.77 -16.22 -0.14
C GLY D 105 13.24 -14.98 0.60
N ASP D 106 12.12 -14.50 0.11
CA ASP D 106 11.22 -13.62 0.84
C ASP D 106 10.86 -14.28 2.18
N LYS D 107 11.14 -13.58 3.27
CA LYS D 107 10.92 -14.08 4.60
C LYS D 107 9.43 -13.95 5.03
N PRO D 108 9.02 -14.78 5.97
CA PRO D 108 7.72 -14.64 6.57
C PRO D 108 7.64 -13.48 7.50
N ALA D 109 6.43 -13.13 7.89
CA ALA D 109 6.21 -12.25 8.98
C ALA D 109 6.44 -13.08 10.27
N ARG D 110 6.70 -12.44 11.38
CA ARG D 110 6.90 -13.17 12.61
C ARG D 110 6.77 -12.32 13.85
N PHE D 111 6.68 -12.98 15.00
CA PHE D 111 6.98 -12.36 16.28
C PHE D 111 7.89 -13.27 17.09
N CYS D 112 8.62 -12.69 18.03
CA CYS D 112 9.42 -13.48 18.92
C CYS D 112 9.32 -12.92 20.33
N ILE D 113 8.94 -13.74 21.29
CA ILE D 113 8.75 -13.23 22.65
C ILE D 113 9.42 -14.22 23.63
N GLN D 114 9.65 -13.76 24.84
CA GLN D 114 10.31 -14.55 25.87
C GLN D 114 9.24 -14.98 26.86
N CYS D 115 9.16 -16.28 27.17
CA CYS D 115 8.11 -16.84 28.00
C CYS D 115 8.55 -18.21 28.60
N GLY D 116 7.69 -18.88 29.36
CA GLY D 116 7.98 -20.23 29.81
C GLY D 116 7.51 -21.31 28.84
N LEU D 117 8.28 -22.38 28.73
CA LEU D 117 7.98 -23.51 27.86
C LEU D 117 7.75 -24.81 28.67
N VAL D 118 7.13 -25.80 28.01
CA VAL D 118 6.63 -27.01 28.69
C VAL D 118 7.70 -27.84 29.39
N LYS D 119 8.93 -27.88 28.89
CA LYS D 119 10.01 -28.56 29.58
C LYS D 119 11.18 -27.63 29.85
N PRO D 120 11.87 -27.83 31.00
CA PRO D 120 12.93 -26.89 31.38
C PRO D 120 14.10 -26.74 30.42
N ASP D 121 14.47 -27.80 29.72
CA ASP D 121 15.59 -27.73 28.77
C ASP D 121 15.27 -27.19 27.39
N ALA D 122 13.99 -26.95 27.12
CA ALA D 122 13.55 -26.36 25.88
C ALA D 122 13.99 -24.88 25.81
N LEU D 123 14.65 -24.49 24.71
CA LEU D 123 15.18 -23.15 24.55
C LEU D 123 14.36 -22.35 23.54
N VAL D 124 13.58 -23.04 22.72
CA VAL D 124 12.88 -22.37 21.63
C VAL D 124 11.66 -23.22 21.28
N GLU D 125 10.60 -22.56 20.84
CA GLU D 125 9.43 -23.22 20.32
C GLU D 125 8.90 -22.33 19.22
N ILE D 126 8.45 -22.94 18.13
CA ILE D 126 7.92 -22.21 17.00
C ILE D 126 6.61 -22.83 16.58
N ALA D 127 5.63 -21.97 16.32
CA ALA D 127 4.39 -22.38 15.61
C ALA D 127 4.24 -21.54 14.34
N THR D 128 3.54 -22.10 13.34
CA THR D 128 3.68 -21.59 11.99
C THR D 128 2.36 -21.63 11.27
N ILE D 129 2.14 -20.62 10.42
CA ILE D 129 1.00 -20.59 9.49
C ILE D 129 1.51 -20.52 8.10
N ALA D 130 0.92 -21.31 7.17
CA ALA D 130 1.40 -21.32 5.84
C ALA D 130 0.17 -21.36 4.93
N HIS D 131 0.22 -20.65 3.81
CA HIS D 131 -0.87 -20.74 2.77
C HIS D 131 -0.36 -21.52 1.62
N ILE D 132 -0.96 -22.67 1.36
CA ILE D 132 -0.45 -23.58 0.34
C ILE D 132 -1.58 -23.73 -0.67
N GLY E 5 -3.32 -20.41 -10.85
CA GLY E 5 -2.51 -21.19 -9.90
C GLY E 5 -2.27 -20.50 -8.56
N HIS E 6 -1.24 -20.96 -7.85
CA HIS E 6 -0.90 -20.49 -6.51
C HIS E 6 0.09 -19.36 -6.48
N MSE E 7 -0.39 -18.13 -6.30
CA MSE E 7 0.49 -16.99 -6.26
C MSE E 7 1.33 -17.17 -5.01
O MSE E 7 0.84 -17.74 -4.01
CB MSE E 7 -0.26 -15.70 -6.22
CG MSE E 7 -0.71 -15.15 -7.61
SE MSE E 7 -1.91 -13.75 -7.59
CE MSE E 7 -1.32 -12.87 -6.00
N PRO E 8 2.59 -16.76 -5.08
CA PRO E 8 3.37 -16.83 -3.86
C PRO E 8 2.90 -15.70 -2.95
N LYS E 9 3.11 -15.85 -1.65
CA LYS E 9 2.83 -14.73 -0.77
C LYS E 9 3.51 -13.45 -1.32
N SER E 10 2.94 -12.30 -1.07
CA SER E 10 3.64 -11.05 -1.27
C SER E 10 4.23 -10.68 0.08
N VAL E 11 5.38 -10.08 0.07
CA VAL E 11 5.89 -9.39 1.25
C VAL E 11 5.38 -7.98 1.18
N ILE E 12 5.19 -7.36 2.35
CA ILE E 12 4.72 -5.98 2.41
C ILE E 12 5.80 -5.20 3.10
N ILE E 13 6.39 -4.26 2.38
CA ILE E 13 7.47 -3.44 2.91
C ILE E 13 7.17 -1.97 2.60
N PRO E 14 6.56 -1.24 3.56
CA PRO E 14 6.22 0.14 3.28
C PRO E 14 7.47 0.92 2.98
N ALA E 15 7.38 1.86 2.04
CA ALA E 15 8.48 2.72 1.70
C ALA E 15 9.05 3.34 2.94
N GLY E 16 10.36 3.33 3.03
CA GLY E 16 11.06 3.98 4.11
C GLY E 16 11.21 3.10 5.35
N SER E 17 10.49 1.97 5.45
CA SER E 17 10.75 1.06 6.60
C SER E 17 12.23 0.64 6.48
N SER E 18 12.89 0.51 7.64
CA SER E 18 14.34 0.29 7.69
C SER E 18 14.71 -1.14 8.02
N ALA E 19 16.02 -1.42 8.00
CA ALA E 19 16.60 -2.74 8.30
C ALA E 19 15.98 -3.41 9.55
N PRO E 20 15.37 -4.63 9.38
CA PRO E 20 14.66 -5.21 10.57
C PRO E 20 15.66 -5.78 11.60
N LEU E 21 15.28 -5.83 12.89
CA LEU E 21 16.16 -6.40 13.95
C LEU E 21 16.65 -7.85 13.59
N ALA E 22 15.80 -8.58 12.85
CA ALA E 22 16.02 -9.99 12.51
C ALA E 22 15.47 -10.29 11.08
N PRO E 23 15.55 -11.56 10.64
CA PRO E 23 15.09 -11.98 9.32
C PRO E 23 13.56 -12.12 9.20
N PHE E 24 12.89 -10.98 9.06
CA PHE E 24 11.45 -10.98 8.78
C PHE E 24 11.11 -9.69 8.03
N VAL E 25 9.93 -9.68 7.42
CA VAL E 25 9.43 -8.54 6.74
C VAL E 25 8.31 -7.93 7.59
N PRO E 26 7.94 -6.69 7.29
CA PRO E 26 6.94 -6.04 8.16
C PRO E 26 5.58 -6.72 8.14
N GLY E 27 5.23 -7.27 6.99
CA GLY E 27 4.07 -8.08 6.83
C GLY E 27 4.11 -9.00 5.62
N THR E 28 3.17 -9.96 5.56
CA THR E 28 2.98 -10.80 4.39
C THR E 28 1.51 -10.81 4.03
N LEU E 29 1.23 -11.09 2.77
CA LEU E 29 -0.11 -11.12 2.26
C LEU E 29 -0.28 -12.37 1.42
N ALA E 30 -1.30 -13.17 1.74
CA ALA E 30 -1.64 -14.33 0.92
C ALA E 30 -3.15 -14.54 0.97
N ASP E 31 -3.77 -14.71 -0.19
CA ASP E 31 -5.19 -15.03 -0.28
C ASP E 31 -6.04 -14.04 0.54
N GLY E 32 -5.72 -12.78 0.42
CA GLY E 32 -6.50 -11.75 1.08
C GLY E 32 -6.22 -11.61 2.56
N VAL E 33 -5.33 -12.42 3.12
CA VAL E 33 -4.99 -12.30 4.57
C VAL E 33 -3.64 -11.65 4.73
N VAL E 34 -3.59 -10.62 5.58
CA VAL E 34 -2.36 -9.89 5.90
C VAL E 34 -1.91 -10.33 7.28
N TYR E 35 -0.65 -10.75 7.41
CA TYR E 35 -0.06 -11.09 8.67
C TYR E 35 1.01 -10.03 8.94
N VAL E 36 0.81 -9.19 9.97
CA VAL E 36 1.76 -8.14 10.29
C VAL E 36 2.63 -8.67 11.38
N SER E 37 3.94 -8.55 11.18
CA SER E 37 4.91 -8.94 12.19
C SER E 37 4.69 -8.25 13.55
N GLY E 38 5.16 -8.90 14.61
CA GLY E 38 5.18 -8.21 15.86
C GLY E 38 5.91 -6.93 15.71
N THR E 39 5.31 -5.83 16.15
CA THR E 39 5.85 -4.52 15.90
C THR E 39 6.07 -3.86 17.24
N LEU E 40 7.24 -3.26 17.35
CA LEU E 40 7.58 -2.47 18.54
C LEU E 40 7.85 -1.01 18.16
N ALA E 41 7.98 -0.12 19.15
CA ALA E 41 8.17 1.31 18.89
C ALA E 41 9.68 1.61 18.59
N PHE E 42 10.13 1.22 17.40
CA PHE E 42 11.54 1.31 17.05
C PHE E 42 11.75 2.52 16.18
N ASP E 43 12.88 3.19 16.37
CA ASP E 43 13.36 4.17 15.42
C ASP E 43 14.04 3.43 14.28
N GLN E 44 14.63 4.19 13.38
CA GLN E 44 15.25 3.63 12.18
C GLN E 44 16.45 2.71 12.49
N HIS E 45 17.10 2.89 13.63
CA HIS E 45 18.22 2.01 14.06
C HIS E 45 17.78 0.93 15.05
N ASN E 46 16.48 0.62 15.12
CA ASN E 46 15.98 -0.40 16.05
C ASN E 46 16.25 -0.14 17.55
N ASN E 47 16.28 1.13 17.91
CA ASN E 47 16.27 1.53 19.31
C ASN E 47 14.85 1.90 19.67
N VAL E 48 14.49 1.66 20.92
CA VAL E 48 13.13 1.88 21.41
C VAL E 48 12.90 3.36 21.58
N LEU E 49 11.85 3.88 20.99
CA LEU E 49 11.43 5.25 21.20
C LEU E 49 10.54 5.33 22.45
N PHE E 50 10.59 6.46 23.16
CA PHE E 50 9.64 6.77 24.23
C PHE E 50 9.72 5.81 25.41
N ALA E 51 10.92 5.66 25.95
CA ALA E 51 11.29 4.62 26.95
C ALA E 51 10.27 4.30 28.07
N ASP E 52 9.79 5.34 28.73
CA ASP E 52 8.90 5.15 29.90
C ASP E 52 7.47 5.60 29.61
N ASP E 53 7.08 5.61 28.35
CA ASP E 53 5.81 6.20 27.91
C ASP E 53 4.98 5.18 27.10
N PRO E 54 4.16 4.38 27.80
CA PRO E 54 3.49 3.32 27.09
C PRO E 54 2.53 3.88 26.05
N LYS E 55 1.95 5.04 26.31
CA LYS E 55 0.99 5.63 25.37
C LYS E 55 1.67 5.97 24.04
N ALA E 56 2.83 6.60 24.11
CA ALA E 56 3.50 6.99 22.89
C ALA E 56 4.03 5.75 22.14
N GLN E 57 4.50 4.73 22.88
CA GLN E 57 4.92 3.47 22.25
C GLN E 57 3.78 2.78 21.53
N THR E 58 2.62 2.71 22.16
CA THR E 58 1.46 2.07 21.55
C THR E 58 1.04 2.82 20.29
N ARG E 59 1.06 4.13 20.34
CA ARG E 59 0.68 4.93 19.17
C ARG E 59 1.64 4.65 18.00
N HIS E 60 2.95 4.64 18.27
CA HIS E 60 3.93 4.42 17.21
C HIS E 60 3.75 3.04 16.58
N VAL E 61 3.55 2.04 17.42
CA VAL E 61 3.29 0.65 16.97
C VAL E 61 2.08 0.56 16.07
N LEU E 62 0.97 1.17 16.48
CA LEU E 62 -0.25 1.05 15.69
C LEU E 62 -0.17 1.88 14.39
N GLU E 63 0.54 3.02 14.40
CA GLU E 63 0.81 3.72 13.16
C GLU E 63 1.61 2.86 12.17
N THR E 64 2.62 2.12 12.65
CA THR E 64 3.38 1.21 11.78
C THR E 64 2.49 0.14 11.21
N ILE E 65 1.70 -0.49 12.08
CA ILE E 65 0.83 -1.56 11.67
C ILE E 65 -0.15 -1.08 10.61
N ARG E 66 -0.76 0.07 10.87
CA ARG E 66 -1.64 0.70 9.89
C ARG E 66 -0.97 0.90 8.52
N LYS E 67 0.28 1.37 8.49
CA LYS E 67 1.01 1.55 7.21
C LYS E 67 1.18 0.21 6.52
N VAL E 68 1.49 -0.84 7.27
CA VAL E 68 1.63 -2.17 6.65
C VAL E 68 0.31 -2.59 5.99
N ILE E 69 -0.79 -2.46 6.73
CA ILE E 69 -2.08 -2.89 6.24
C ILE E 69 -2.52 -2.03 5.06
N GLU E 70 -2.28 -0.72 5.15
CA GLU E 70 -2.61 0.20 4.02
C GLU E 70 -1.77 -0.09 2.80
N THR E 71 -0.48 -0.34 2.99
CA THR E 71 0.37 -0.68 1.86
C THR E 71 -0.13 -1.94 1.16
N ALA E 72 -0.69 -2.88 1.92
CA ALA E 72 -1.19 -4.17 1.37
C ALA E 72 -2.49 -3.99 0.66
N GLY E 73 -3.17 -2.86 0.89
CA GLY E 73 -4.42 -2.57 0.24
C GLY E 73 -5.62 -2.54 1.16
N GLY E 74 -5.42 -2.54 2.47
CA GLY E 74 -6.55 -2.55 3.37
C GLY E 74 -6.63 -1.35 4.30
N THR E 75 -7.47 -1.45 5.33
CA THR E 75 -7.61 -0.44 6.36
C THR E 75 -7.63 -1.12 7.72
N MSE E 76 -7.60 -0.33 8.79
CA MSE E 76 -7.68 -0.90 10.13
C MSE E 76 -8.99 -1.59 10.38
O MSE E 76 -9.06 -2.51 11.20
CB MSE E 76 -7.43 0.17 11.20
CG MSE E 76 -5.98 0.68 11.23
SE MSE E 76 -4.69 -0.75 11.68
CE MSE E 76 -4.02 -0.30 13.50
N ALA E 77 -10.06 -1.18 9.71
CA ALA E 77 -11.36 -1.85 9.86
C ALA E 77 -11.27 -3.31 9.43
N ASP E 78 -10.28 -3.65 8.60
CA ASP E 78 -10.10 -5.03 8.10
C ASP E 78 -9.41 -5.96 9.12
N VAL E 79 -8.87 -5.40 10.20
CA VAL E 79 -8.18 -6.18 11.18
C VAL E 79 -9.17 -7.13 11.90
N THR E 80 -8.86 -8.41 11.92
CA THR E 80 -9.70 -9.35 12.62
C THR E 80 -9.16 -9.70 13.99
N PHE E 81 -7.83 -9.71 14.12
CA PHE E 81 -7.24 -10.14 15.38
C PHE E 81 -5.97 -9.39 15.68
N ASN E 82 -5.74 -8.99 16.95
CA ASN E 82 -4.47 -8.48 17.40
C ASN E 82 -3.92 -9.31 18.52
N SER E 83 -2.60 -9.54 18.52
CA SER E 83 -1.91 -10.25 19.57
C SER E 83 -1.10 -9.16 20.26
N ILE E 84 -1.43 -8.89 21.50
CA ILE E 84 -0.76 -7.80 22.26
C ILE E 84 0.06 -8.44 23.33
N PHE E 85 1.31 -7.87 23.50
CA PHE E 85 2.30 -8.41 24.43
C PHE E 85 2.75 -7.23 25.22
N ILE E 86 2.60 -7.29 26.55
CA ILE E 86 3.04 -6.19 27.40
C ILE E 86 3.96 -6.69 28.49
N THR E 87 4.72 -5.79 29.12
CA THR E 87 5.65 -6.17 30.13
C THR E 87 5.10 -5.95 31.55
N ASP E 88 4.07 -5.10 31.72
CA ASP E 88 3.60 -4.70 33.04
C ASP E 88 2.13 -4.32 33.02
N TRP E 89 1.33 -4.96 33.86
CA TRP E 89 -0.12 -4.69 33.89
C TRP E 89 -0.44 -3.30 34.34
N LYS E 90 0.48 -2.61 35.02
CA LYS E 90 0.26 -1.20 35.38
C LYS E 90 0.14 -0.31 34.14
N ASN E 91 0.62 -0.74 32.98
CA ASN E 91 0.54 0.03 31.72
C ASN E 91 -0.68 -0.34 30.88
N TYR E 92 -1.44 -1.36 31.30
CA TYR E 92 -2.59 -1.87 30.50
C TYR E 92 -3.63 -0.84 30.15
N ALA E 93 -4.02 -0.01 31.11
CA ALA E 93 -5.01 1.04 30.89
C ALA E 93 -4.52 2.04 29.84
N ALA E 94 -3.28 2.49 29.95
CA ALA E 94 -2.72 3.45 28.98
C ALA E 94 -2.62 2.84 27.55
N ILE E 95 -2.20 1.57 27.46
CA ILE E 95 -2.13 0.85 26.17
C ILE E 95 -3.53 0.72 25.57
N ASN E 96 -4.49 0.30 26.39
CA ASN E 96 -5.87 0.16 25.90
C ASN E 96 -6.42 1.46 25.39
N GLU E 97 -6.12 2.58 26.07
CA GLU E 97 -6.67 3.86 25.70
C GLU E 97 -6.23 4.22 24.29
N ILE E 98 -4.96 4.07 24.00
CA ILE E 98 -4.50 4.37 22.65
C ILE E 98 -5.02 3.38 21.62
N TYR E 99 -4.97 2.11 21.99
CA TYR E 99 -5.46 1.05 21.11
C TYR E 99 -6.87 1.33 20.61
N ALA E 100 -7.77 1.74 21.52
CA ALA E 100 -9.17 2.00 21.14
C ALA E 100 -9.28 3.08 20.07
N GLU E 101 -8.40 4.08 20.13
CA GLU E 101 -8.44 5.19 19.16
C GLU E 101 -8.22 4.68 17.77
N PHE E 102 -7.43 3.62 17.59
CA PHE E 102 -7.11 3.17 16.25
C PHE E 102 -8.16 2.27 15.63
N PHE E 103 -9.11 1.80 16.42
CA PHE E 103 -10.18 0.90 15.96
C PHE E 103 -11.54 1.48 16.38
N PRO E 104 -11.96 2.59 15.76
CA PRO E 104 -13.16 3.32 16.17
C PRO E 104 -14.43 2.53 15.93
N GLY E 105 -14.49 1.72 14.89
CA GLY E 105 -15.75 1.00 14.69
C GLY E 105 -15.88 -0.29 15.50
N ASP E 106 -16.45 -1.29 14.83
CA ASP E 106 -16.44 -2.66 15.30
C ASP E 106 -14.99 -3.07 15.61
N LYS E 107 -14.73 -3.49 16.84
CA LYS E 107 -13.42 -3.82 17.31
C LYS E 107 -12.96 -5.22 16.86
N PRO E 108 -11.65 -5.42 16.73
CA PRO E 108 -11.11 -6.71 16.44
C PRO E 108 -11.19 -7.62 17.65
N ALA E 109 -10.98 -8.88 17.45
CA ALA E 109 -10.79 -9.80 18.54
C ALA E 109 -9.30 -9.64 18.94
N ARG E 110 -8.95 -10.08 20.11
CA ARG E 110 -7.57 -9.95 20.52
C ARG E 110 -7.22 -10.80 21.73
N PHE E 111 -5.93 -10.93 21.99
CA PHE E 111 -5.44 -11.33 23.34
C PHE E 111 -4.43 -10.32 23.79
N CYS E 112 -4.21 -10.25 25.11
CA CYS E 112 -3.19 -9.39 25.70
C CYS E 112 -2.55 -10.25 26.83
N ILE E 113 -1.25 -10.53 26.70
CA ILE E 113 -0.55 -11.31 27.70
C ILE E 113 0.68 -10.54 28.12
N GLN E 114 1.24 -10.92 29.25
CA GLN E 114 2.45 -10.29 29.79
C GLN E 114 3.62 -11.25 29.59
N CYS E 115 4.68 -10.79 28.98
CA CYS E 115 5.84 -11.67 28.65
C CYS E 115 7.05 -10.83 28.47
N GLY E 116 8.17 -11.45 28.10
CA GLY E 116 9.41 -10.66 27.86
C GLY E 116 9.49 -10.23 26.41
N LEU E 117 10.06 -9.05 26.18
CA LEU E 117 10.21 -8.52 24.82
C LEU E 117 11.68 -8.31 24.47
N VAL E 118 11.98 -8.13 23.19
CA VAL E 118 13.35 -8.17 22.67
C VAL E 118 14.28 -7.10 23.23
N LYS E 119 13.79 -5.91 23.54
CA LYS E 119 14.61 -4.90 24.14
C LYS E 119 14.01 -4.49 25.49
N PRO E 120 14.86 -4.16 26.46
CA PRO E 120 14.39 -3.83 27.81
C PRO E 120 13.46 -2.62 27.94
N ASP E 121 13.66 -1.59 27.14
CA ASP E 121 12.78 -0.42 27.20
C ASP E 121 11.45 -0.58 26.47
N ALA E 122 11.25 -1.68 25.74
CA ALA E 122 9.98 -1.89 25.07
C ALA E 122 8.92 -2.19 26.11
N LEU E 123 7.77 -1.52 25.98
CA LEU E 123 6.65 -1.75 26.89
C LEU E 123 5.50 -2.51 26.25
N VAL E 124 5.52 -2.58 24.93
CA VAL E 124 4.37 -3.15 24.20
C VAL E 124 4.87 -3.63 22.86
N GLU E 125 4.26 -4.70 22.37
CA GLU E 125 4.44 -5.20 21.05
C GLU E 125 3.09 -5.74 20.55
N ILE E 126 2.77 -5.49 19.27
CA ILE E 126 1.53 -5.97 18.67
C ILE E 126 1.80 -6.64 17.37
N ALA E 127 1.17 -7.80 17.18
CA ALA E 127 1.11 -8.48 15.85
C ALA E 127 -0.38 -8.58 15.44
N THR E 128 -0.67 -8.60 14.13
CA THR E 128 -1.98 -8.29 13.62
C THR E 128 -2.32 -9.18 12.41
N ILE E 129 -3.55 -9.63 12.34
CA ILE E 129 -4.10 -10.30 11.21
C ILE E 129 -5.26 -9.47 10.65
N ALA E 130 -5.29 -9.30 9.34
CA ALA E 130 -6.32 -8.54 8.70
C ALA E 130 -6.81 -9.33 7.49
N HIS E 131 -8.10 -9.22 7.16
CA HIS E 131 -8.68 -9.77 5.91
C HIS E 131 -9.07 -8.66 5.00
N ILE E 132 -8.42 -8.56 3.86
CA ILE E 132 -8.61 -7.34 2.97
C ILE E 132 -9.19 -7.81 1.63
N ALA E 133 -9.56 -6.90 0.71
CA ALA E 133 -10.10 -7.29 -0.61
C ALA E 133 -9.05 -8.06 -1.37
N LYS E 134 -9.35 -9.27 -1.87
CA LYS E 134 -8.41 -10.05 -2.73
C LYS E 134 -8.89 -11.50 -2.88
N GLY F 5 -12.68 -9.03 3.64
CA GLY F 5 -12.55 -8.82 2.16
C GLY F 5 -13.03 -7.41 1.76
N HIS F 6 -13.79 -7.36 0.65
CA HIS F 6 -14.74 -6.27 0.30
C HIS F 6 -15.92 -6.23 1.32
N MSE F 7 -16.49 -7.38 1.71
CA MSE F 7 -17.47 -7.41 2.82
C MSE F 7 -16.68 -7.19 4.12
O MSE F 7 -15.63 -7.81 4.30
CB MSE F 7 -18.20 -8.76 2.85
CG MSE F 7 -19.51 -8.71 3.64
SE MSE F 7 -20.89 -7.78 2.55
CE MSE F 7 -20.08 -7.31 0.79
N PRO F 8 -17.13 -6.27 5.00
CA PRO F 8 -16.38 -6.09 6.26
C PRO F 8 -16.47 -7.30 7.24
N LYS F 9 -15.50 -7.45 8.16
CA LYS F 9 -15.58 -8.51 9.20
C LYS F 9 -16.88 -8.36 9.98
N SER F 10 -17.37 -9.46 10.54
CA SER F 10 -18.55 -9.42 11.40
C SER F 10 -17.99 -9.56 12.76
N VAL F 11 -18.55 -8.84 13.72
CA VAL F 11 -18.21 -9.08 15.11
C VAL F 11 -19.14 -10.21 15.53
N ILE F 12 -18.73 -10.98 16.52
CA ILE F 12 -19.55 -12.02 17.12
C ILE F 12 -19.70 -11.73 18.58
N ILE F 13 -20.90 -11.35 18.99
CA ILE F 13 -21.14 -10.96 20.37
C ILE F 13 -22.38 -11.69 20.82
N PRO F 14 -22.21 -12.83 21.53
CA PRO F 14 -23.40 -13.64 21.82
C PRO F 14 -24.35 -12.87 22.74
N ALA F 15 -25.66 -13.01 22.50
CA ALA F 15 -26.72 -12.37 23.32
C ALA F 15 -26.35 -12.58 24.78
N GLY F 16 -26.28 -11.48 25.54
CA GLY F 16 -25.98 -11.54 26.96
C GLY F 16 -24.53 -11.24 27.36
N SER F 17 -23.66 -11.02 26.39
CA SER F 17 -22.32 -10.55 26.64
C SER F 17 -22.10 -9.21 25.83
N PRO F 23 -12.87 -2.74 24.51
CA PRO F 23 -12.16 -2.41 23.25
C PRO F 23 -11.76 -3.71 22.50
N PHE F 24 -12.46 -4.79 22.77
CA PHE F 24 -12.39 -6.00 21.93
C PHE F 24 -13.74 -6.65 21.99
N VAL F 25 -14.00 -7.50 21.02
CA VAL F 25 -15.21 -8.28 20.96
C VAL F 25 -14.88 -9.75 21.19
N PRO F 26 -15.86 -10.54 21.60
CA PRO F 26 -15.55 -11.95 21.88
C PRO F 26 -14.94 -12.73 20.69
N GLY F 27 -15.35 -12.37 19.48
CA GLY F 27 -14.80 -12.94 18.26
C GLY F 27 -15.16 -12.17 17.00
N THR F 28 -14.41 -12.40 15.94
CA THR F 28 -14.68 -11.84 14.63
C THR F 28 -14.78 -12.96 13.61
N LEU F 29 -15.40 -12.67 12.50
CA LEU F 29 -15.61 -13.63 11.43
C LEU F 29 -15.35 -12.90 10.12
N ALA F 30 -14.48 -13.46 9.29
CA ALA F 30 -14.17 -12.86 7.97
C ALA F 30 -13.77 -13.98 7.00
N ASP F 31 -14.46 -14.06 5.88
CA ASP F 31 -14.16 -15.07 4.84
C ASP F 31 -14.15 -16.46 5.38
N GLY F 32 -15.12 -16.77 6.24
CA GLY F 32 -15.22 -18.14 6.77
C GLY F 32 -14.29 -18.43 7.94
N VAL F 33 -13.46 -17.47 8.33
CA VAL F 33 -12.49 -17.71 9.46
C VAL F 33 -12.99 -16.97 10.69
N VAL F 34 -13.12 -17.69 11.81
CA VAL F 34 -13.50 -17.09 13.10
C VAL F 34 -12.25 -16.95 13.96
N TYR F 35 -12.03 -15.74 14.49
CA TYR F 35 -10.97 -15.47 15.42
C TYR F 35 -11.64 -15.20 16.78
N VAL F 36 -11.40 -16.04 17.77
CA VAL F 36 -11.94 -15.80 19.11
C VAL F 36 -10.86 -15.18 19.96
N SER F 37 -11.24 -14.10 20.65
CA SER F 37 -10.36 -13.44 21.59
C SER F 37 -9.84 -14.38 22.65
N GLY F 38 -8.71 -14.01 23.24
CA GLY F 38 -8.27 -14.68 24.42
C GLY F 38 -9.37 -14.64 25.43
N THR F 39 -9.74 -15.80 25.97
CA THR F 39 -10.89 -15.97 26.83
C THR F 39 -10.43 -16.56 28.18
N LEU F 40 -10.84 -15.89 29.28
CA LEU F 40 -10.53 -16.25 30.61
C LEU F 40 -11.86 -16.63 31.33
N ALA F 41 -11.75 -17.30 32.48
CA ALA F 41 -12.90 -17.76 33.20
C ALA F 41 -13.54 -16.58 34.03
N PHE F 42 -14.13 -15.63 33.32
CA PHE F 42 -14.70 -14.43 33.92
C PHE F 42 -16.20 -14.54 34.19
N ASP F 43 -16.61 -14.00 35.32
CA ASP F 43 -18.04 -13.84 35.64
C ASP F 43 -18.51 -12.56 34.98
N GLN F 44 -19.73 -12.16 35.29
CA GLN F 44 -20.37 -10.98 34.70
C GLN F 44 -19.60 -9.68 34.96
N HIS F 45 -18.93 -9.60 36.11
CA HIS F 45 -18.15 -8.43 36.46
C HIS F 45 -16.69 -8.51 36.14
N ASN F 46 -16.28 -9.48 35.33
CA ASN F 46 -14.86 -9.67 35.04
C ASN F 46 -13.99 -10.02 36.21
N ASN F 47 -14.57 -10.70 37.17
CA ASN F 47 -13.78 -11.40 38.18
C ASN F 47 -13.55 -12.83 37.70
N VAL F 48 -12.45 -13.42 38.11
CA VAL F 48 -12.12 -14.81 37.78
C VAL F 48 -12.93 -15.78 38.65
N LEU F 49 -13.60 -16.73 38.01
CA LEU F 49 -14.33 -17.75 38.70
C LEU F 49 -13.37 -18.88 39.01
N PHE F 50 -13.60 -19.59 40.11
CA PHE F 50 -12.94 -20.87 40.39
C PHE F 50 -11.44 -20.68 40.58
N ALA F 51 -11.10 -19.81 41.50
CA ALA F 51 -9.71 -19.58 41.79
C ALA F 51 -9.20 -20.95 42.23
N ASP F 52 -7.95 -21.21 41.88
CA ASP F 52 -7.29 -22.47 42.28
C ASP F 52 -7.92 -23.76 41.76
N ASP F 53 -8.85 -23.69 40.80
CA ASP F 53 -9.42 -24.88 40.16
C ASP F 53 -9.22 -24.83 38.65
N PRO F 54 -8.08 -25.30 38.18
CA PRO F 54 -7.78 -25.12 36.75
C PRO F 54 -8.73 -25.86 35.87
N LYS F 55 -9.25 -26.99 36.34
CA LYS F 55 -10.23 -27.73 35.54
C LYS F 55 -11.51 -26.89 35.30
N ALA F 56 -12.06 -26.29 36.34
CA ALA F 56 -13.30 -25.60 36.22
C ALA F 56 -13.10 -24.29 35.41
N GLN F 57 -11.94 -23.67 35.56
CA GLN F 57 -11.63 -22.50 34.70
C GLN F 57 -11.54 -22.91 33.24
N THR F 58 -10.86 -24.04 32.95
CA THR F 58 -10.70 -24.47 31.55
C THR F 58 -12.05 -24.77 30.94
N ARG F 59 -12.92 -25.40 31.73
CA ARG F 59 -14.27 -25.74 31.22
C ARG F 59 -15.06 -24.47 30.89
N HIS F 60 -15.00 -23.49 31.79
CA HIS F 60 -15.75 -22.24 31.57
C HIS F 60 -15.26 -21.50 30.33
N VAL F 61 -13.95 -21.49 30.17
CA VAL F 61 -13.32 -20.87 28.99
C VAL F 61 -13.79 -21.53 27.70
N LEU F 62 -13.71 -22.84 27.65
CA LEU F 62 -14.08 -23.55 26.45
C LEU F 62 -15.55 -23.48 26.17
N GLU F 63 -16.39 -23.45 27.19
CA GLU F 63 -17.82 -23.24 26.94
C GLU F 63 -18.05 -21.87 26.31
N THR F 64 -17.35 -20.83 26.78
CA THR F 64 -17.46 -19.52 26.19
C THR F 64 -17.03 -19.47 24.73
N ILE F 65 -15.89 -20.06 24.43
CA ILE F 65 -15.42 -20.18 23.09
C ILE F 65 -16.41 -20.90 22.18
N ARG F 66 -16.89 -22.05 22.62
CA ARG F 66 -17.90 -22.76 21.88
C ARG F 66 -19.11 -21.88 21.54
N LYS F 67 -19.59 -21.10 22.49
CA LYS F 67 -20.73 -20.26 22.22
C LYS F 67 -20.41 -19.15 21.17
N VAL F 68 -19.18 -18.64 21.21
CA VAL F 68 -18.76 -17.66 20.17
C VAL F 68 -18.76 -18.32 18.80
N ILE F 69 -18.20 -19.51 18.71
CA ILE F 69 -18.13 -20.23 17.46
C ILE F 69 -19.51 -20.66 16.95
N GLU F 70 -20.37 -21.14 17.86
CA GLU F 70 -21.73 -21.49 17.49
C GLU F 70 -22.53 -20.27 17.01
N THR F 71 -22.37 -19.15 17.66
CA THR F 71 -23.03 -17.91 17.23
C THR F 71 -22.62 -17.55 15.84
N ALA F 72 -21.35 -17.82 15.49
CA ALA F 72 -20.84 -17.49 14.15
C ALA F 72 -21.37 -18.47 13.10
N GLY F 73 -21.95 -19.59 13.52
CA GLY F 73 -22.43 -20.62 12.59
C GLY F 73 -21.55 -21.86 12.53
N GLY F 74 -20.60 -22.05 13.46
CA GLY F 74 -19.72 -23.22 13.41
C GLY F 74 -19.85 -24.12 14.61
N THR F 75 -18.91 -25.07 14.72
CA THR F 75 -18.85 -26.00 15.82
C THR F 75 -17.39 -26.15 16.22
N MSE F 76 -17.15 -26.86 17.30
CA MSE F 76 -15.80 -27.01 17.82
C MSE F 76 -14.94 -27.85 16.86
O MSE F 76 -13.73 -27.68 16.80
CB MSE F 76 -15.78 -27.63 19.21
CG MSE F 76 -16.29 -26.69 20.28
SE MSE F 76 -15.13 -25.06 20.52
CE MSE F 76 -14.42 -25.35 22.39
N ALA F 77 -15.54 -28.72 16.09
CA ALA F 77 -14.83 -29.50 15.09
C ALA F 77 -14.20 -28.60 13.98
N ASP F 78 -14.68 -27.38 13.83
CA ASP F 78 -14.14 -26.43 12.89
C ASP F 78 -12.86 -25.73 13.37
N VAL F 79 -12.53 -25.88 14.63
CA VAL F 79 -11.35 -25.25 15.17
C VAL F 79 -10.08 -25.81 14.56
N THR F 80 -9.24 -24.96 14.00
CA THR F 80 -7.95 -25.41 13.48
C THR F 80 -6.78 -25.21 14.41
N PHE F 81 -6.84 -24.15 15.24
CA PHE F 81 -5.71 -23.81 16.09
C PHE F 81 -6.21 -23.19 17.40
N ASN F 82 -5.57 -23.58 18.53
CA ASN F 82 -5.79 -22.92 19.79
C ASN F 82 -4.48 -22.43 20.35
N SER F 83 -4.50 -21.22 20.88
CA SER F 83 -3.36 -20.59 21.59
C SER F 83 -3.69 -20.64 23.03
N ILE F 84 -2.94 -21.43 23.79
CA ILE F 84 -3.22 -21.59 25.21
C ILE F 84 -2.09 -20.93 26.01
N PHE F 85 -2.47 -20.17 27.03
CA PHE F 85 -1.60 -19.47 27.92
C PHE F 85 -1.88 -19.96 29.35
N ILE F 86 -0.86 -20.35 30.08
CA ILE F 86 -1.03 -20.82 31.47
C ILE F 86 -0.04 -20.14 32.39
N THR F 87 -0.30 -20.18 33.70
CA THR F 87 0.60 -19.55 34.69
C THR F 87 1.50 -20.58 35.37
N ASP F 88 1.17 -21.87 35.32
CA ASP F 88 1.88 -22.89 36.15
C ASP F 88 1.80 -24.25 35.50
N TRP F 89 2.94 -24.82 35.14
CA TRP F 89 2.96 -26.14 34.54
C TRP F 89 2.39 -27.26 35.40
N LYS F 90 2.25 -27.06 36.69
CA LYS F 90 1.60 -28.07 37.57
C LYS F 90 0.13 -28.26 37.18
N ASN F 91 -0.42 -27.27 36.48
CA ASN F 91 -1.82 -27.31 36.06
C ASN F 91 -2.03 -27.81 34.61
N TYR F 92 -0.94 -28.07 33.91
CA TYR F 92 -0.99 -28.53 32.53
C TYR F 92 -1.80 -29.78 32.31
N ALA F 93 -1.59 -30.83 33.12
CA ALA F 93 -2.34 -32.08 33.00
C ALA F 93 -3.85 -31.85 33.17
N ALA F 94 -4.25 -31.11 34.19
CA ALA F 94 -5.64 -30.80 34.44
C ALA F 94 -6.29 -30.02 33.28
N ILE F 95 -5.56 -29.03 32.75
CA ILE F 95 -6.08 -28.21 31.66
C ILE F 95 -6.25 -29.11 30.44
N ASN F 96 -5.26 -29.96 30.18
CA ASN F 96 -5.31 -30.84 29.04
C ASN F 96 -6.47 -31.83 29.11
N GLU F 97 -6.72 -32.35 30.30
CA GLU F 97 -7.83 -33.26 30.49
C GLU F 97 -9.18 -32.64 30.04
N ILE F 98 -9.45 -31.43 30.48
CA ILE F 98 -10.73 -30.80 30.12
C ILE F 98 -10.75 -30.33 28.66
N TYR F 99 -9.63 -29.77 28.21
CA TYR F 99 -9.41 -29.42 26.80
C TYR F 99 -9.78 -30.53 25.87
N ALA F 100 -9.32 -31.77 26.15
CA ALA F 100 -9.61 -32.87 25.26
C ALA F 100 -11.10 -33.17 25.15
N GLU F 101 -11.83 -33.01 26.26
CA GLU F 101 -13.31 -33.27 26.26
C GLU F 101 -14.04 -32.37 25.25
N PHE F 102 -13.53 -31.17 25.01
CA PHE F 102 -14.20 -30.26 24.08
C PHE F 102 -13.83 -30.47 22.61
N PHE F 103 -12.82 -31.30 22.31
CA PHE F 103 -12.43 -31.59 20.93
C PHE F 103 -12.36 -33.11 20.70
N PRO F 104 -13.52 -33.77 20.64
CA PRO F 104 -13.59 -35.23 20.39
C PRO F 104 -13.23 -35.50 18.93
N GLY F 105 -12.60 -36.60 18.57
CA GLY F 105 -12.23 -36.79 17.13
C GLY F 105 -10.95 -35.97 16.85
N ASP F 106 -10.74 -35.59 15.58
CA ASP F 106 -9.50 -34.96 15.11
C ASP F 106 -9.24 -33.66 15.86
N LYS F 107 -8.11 -33.58 16.53
CA LYS F 107 -7.82 -32.48 17.37
C LYS F 107 -7.26 -31.29 16.56
N PRO F 108 -7.47 -30.08 17.06
CA PRO F 108 -6.77 -28.93 16.50
C PRO F 108 -5.25 -28.92 16.73
N ALA F 109 -4.57 -28.06 16.00
CA ALA F 109 -3.18 -27.78 16.26
C ALA F 109 -3.21 -26.78 17.40
N ARG F 110 -2.12 -26.65 18.13
CA ARG F 110 -2.11 -25.71 19.23
C ARG F 110 -0.68 -25.39 19.67
N PHE F 111 -0.54 -24.30 20.51
CA PHE F 111 0.59 -24.12 21.36
C PHE F 111 0.10 -23.89 22.77
N CYS F 112 0.95 -24.16 23.72
CA CYS F 112 0.69 -23.83 25.09
C CYS F 112 1.98 -23.27 25.66
N ILE F 113 1.92 -22.06 26.18
CA ILE F 113 3.06 -21.41 26.78
C ILE F 113 2.70 -20.84 28.13
N GLN F 114 3.71 -20.52 28.92
CA GLN F 114 3.51 -20.00 30.27
C GLN F 114 3.86 -18.51 30.24
N CYS F 115 2.97 -17.66 30.74
CA CYS F 115 3.18 -16.21 30.71
C CYS F 115 2.31 -15.58 31.79
N GLY F 116 2.28 -14.25 31.85
CA GLY F 116 1.45 -13.54 32.79
C GLY F 116 0.10 -13.21 32.19
N LEU F 117 -0.95 -13.29 33.00
CA LEU F 117 -2.37 -13.05 32.55
C LEU F 117 -2.99 -11.87 33.34
N VAL F 118 -4.03 -11.31 32.80
CA VAL F 118 -4.57 -9.99 33.17
C VAL F 118 -5.01 -9.92 34.65
N LYS F 119 -5.45 -11.03 35.24
CA LYS F 119 -5.80 -11.06 36.64
C LYS F 119 -5.11 -12.21 37.34
N PRO F 120 -4.72 -12.00 38.58
CA PRO F 120 -3.87 -12.94 39.29
C PRO F 120 -4.46 -14.33 39.55
N ASP F 121 -5.77 -14.45 39.70
CA ASP F 121 -6.37 -15.75 39.92
C ASP F 121 -6.58 -16.56 38.65
N ALA F 122 -6.43 -15.95 37.48
CA ALA F 122 -6.59 -16.67 36.22
C ALA F 122 -5.48 -17.71 36.07
N LEU F 123 -5.87 -18.92 35.71
CA LEU F 123 -4.90 -20.02 35.53
C LEU F 123 -4.70 -20.43 34.08
N VAL F 124 -5.58 -19.96 33.21
CA VAL F 124 -5.58 -20.37 31.84
C VAL F 124 -6.31 -19.31 31.02
N GLU F 125 -5.84 -19.11 29.81
CA GLU F 125 -6.51 -18.28 28.79
C GLU F 125 -6.34 -18.97 27.47
N ILE F 126 -7.40 -18.99 26.66
CA ILE F 126 -7.35 -19.65 25.34
C ILE F 126 -7.91 -18.70 24.26
N ALA F 127 -7.16 -18.54 23.16
CA ALA F 127 -7.64 -17.92 21.93
C ALA F 127 -7.72 -18.96 20.84
N THR F 128 -8.58 -18.77 19.87
CA THR F 128 -8.92 -19.86 18.94
C THR F 128 -9.16 -19.32 17.52
N ILE F 129 -8.80 -20.14 16.52
CA ILE F 129 -9.06 -19.90 15.15
C ILE F 129 -9.87 -21.06 14.60
N ALA F 130 -10.95 -20.76 13.92
CA ALA F 130 -11.81 -21.86 13.34
C ALA F 130 -12.09 -21.51 11.91
N HIS F 131 -12.29 -22.55 11.07
CA HIS F 131 -12.71 -22.35 9.69
C HIS F 131 -14.08 -22.94 9.59
N ILE F 132 -15.05 -22.10 9.34
CA ILE F 132 -16.42 -22.55 9.44
C ILE F 132 -17.01 -22.58 8.04
N ALA F 133 -18.17 -23.21 7.95
CA ALA F 133 -18.81 -23.47 6.65
C ALA F 133 -19.20 -22.15 5.99
N LYS F 134 -19.24 -22.21 4.67
CA LYS F 134 -19.18 -21.04 3.75
C LYS F 134 -19.81 -19.80 4.37
#